data_3O3E
#
_entry.id   3O3E
#
_cell.length_a   58.176
_cell.length_b   84.351
_cell.length_c   83.990
_cell.angle_alpha   90.000
_cell.angle_beta   90.060
_cell.angle_gamma   90.000
#
_symmetry.space_group_name_H-M   'P 1 21 1'
#
loop_
_entity.id
_entity.type
_entity.pdbx_description
1 polymer 'HLA class I histocompatibility antigen, A-2 alpha chain'
2 polymer Beta-2-microglobulin
3 polymer 'Peptidomimetic ELA-2.1'
4 non-polymer GLYCEROL
5 water water
#
loop_
_entity_poly.entity_id
_entity_poly.type
_entity_poly.pdbx_seq_one_letter_code
_entity_poly.pdbx_strand_id
1 'polypeptide(L)'
;GSHSMRYFFTSVSRPGRGEPRFIAVGYVDDTQFVRFDSDAASQRMEPRAPWIEQEGPEYWDGETRKVKAHSQTHRVDLGT
LRGYYNQSEAGSHTVQRMYGCDVGSDWRFLRGYHQYAYDGKDYIALKEDLRSWTAADMAAQTTKHKWEAAHVAEQLRAYL
EGTCVEWLRRYLENGKETLQRTDAPKTHMTHHAVSDHEATLRCWALSFYPAEITLTWQRDGEDQTQDTELVETRPAGDGT
FQKWAAVVVPSGQEQRYTCHVQHEGLPKPLTLRWE
;
A,D
2 'polypeptide(L)'
;MIQRTPKIQVYSRHPAENGKSNFLNCYVSGFHPSDIEVDLLKNGERIEKVEHSDLSFSKDWSFYLLYYTEFTPTEKDEYA
CRVNHVTLSQPKIVKWDRDM
;
B,E
3 'polypeptide(L)' (BAL)LA(TIG)(3AZ)LTV C,F
#
# COMPACT_ATOMS: atom_id res chain seq x y z
N GLY A 1 -5.19 1.89 -17.28
CA GLY A 1 -4.05 1.94 -16.32
C GLY A 1 -3.41 0.57 -16.12
N SER A 2 -3.46 0.08 -14.88
CA SER A 2 -2.74 -1.12 -14.47
C SER A 2 -3.57 -2.39 -14.74
N HIS A 3 -2.95 -3.60 -14.77
CA HIS A 3 -3.66 -4.86 -15.09
C HIS A 3 -3.28 -6.15 -14.35
N SER A 4 -4.19 -7.12 -14.37
CA SER A 4 -3.95 -8.38 -13.65
C SER A 4 -4.45 -9.59 -14.46
N MET A 5 -3.79 -10.73 -14.33
CA MET A 5 -4.30 -12.00 -14.88
C MET A 5 -4.44 -12.92 -13.69
N ARG A 6 -5.59 -13.56 -13.51
CA ARG A 6 -5.76 -14.42 -12.34
C ARG A 6 -6.46 -15.73 -12.76
N TYR A 7 -5.94 -16.87 -12.29
CA TYR A 7 -6.67 -18.17 -12.40
C TYR A 7 -7.29 -18.58 -11.08
N PHE A 8 -8.54 -19.06 -11.08
CA PHE A 8 -9.19 -19.44 -9.83
C PHE A 8 -9.63 -20.91 -9.94
N PHE A 9 -9.42 -21.71 -8.90
CA PHE A 9 -9.68 -23.13 -8.97
C PHE A 9 -10.47 -23.52 -7.75
N THR A 10 -11.55 -24.26 -7.94
CA THR A 10 -12.33 -24.68 -6.81
C THR A 10 -12.54 -26.20 -6.95
N SER A 11 -12.16 -26.98 -5.92
CA SER A 11 -12.44 -28.41 -5.92
CA SER A 11 -12.41 -28.44 -5.92
C SER A 11 -13.20 -28.80 -4.67
N VAL A 12 -14.30 -29.49 -4.89
CA VAL A 12 -15.21 -29.83 -3.82
C VAL A 12 -15.38 -31.33 -3.77
N SER A 13 -15.04 -31.98 -2.66
CA SER A 13 -15.25 -33.40 -2.56
C SER A 13 -16.73 -33.75 -2.37
N ARG A 14 -17.09 -34.89 -2.89
CA ARG A 14 -18.45 -35.33 -2.92
C ARG A 14 -18.46 -36.76 -2.46
N PRO A 15 -18.39 -36.99 -1.15
CA PRO A 15 -18.11 -38.40 -0.82
C PRO A 15 -19.24 -39.42 -1.05
N GLY A 16 -18.86 -40.51 -1.74
CA GLY A 16 -19.82 -41.54 -2.18
C GLY A 16 -20.77 -41.08 -3.28
N ARG A 17 -20.39 -40.03 -4.01
CA ARG A 17 -21.15 -39.54 -5.17
C ARG A 17 -20.15 -39.26 -6.30
N GLY A 18 -19.10 -40.08 -6.37
CA GLY A 18 -18.09 -40.01 -7.43
C GLY A 18 -16.88 -39.17 -7.08
N GLU A 19 -16.26 -38.59 -8.11
CA GLU A 19 -15.07 -37.81 -7.89
C GLU A 19 -15.39 -36.35 -7.56
N PRO A 20 -14.38 -35.58 -7.05
CA PRO A 20 -14.66 -34.18 -6.75
C PRO A 20 -15.00 -33.28 -7.92
N ARG A 21 -15.83 -32.28 -7.65
CA ARG A 21 -16.26 -31.28 -8.63
C ARG A 21 -15.11 -30.31 -8.77
N PHE A 22 -14.60 -30.10 -9.97
CA PHE A 22 -13.52 -29.15 -10.19
C PHE A 22 -13.97 -28.09 -11.17
N ILE A 23 -13.81 -26.82 -10.81
CA ILE A 23 -14.13 -25.71 -11.72
C ILE A 23 -12.93 -24.76 -11.77
N ALA A 24 -12.45 -24.43 -12.96
CA ALA A 24 -11.37 -23.43 -13.12
C ALA A 24 -11.87 -22.31 -13.99
N VAL A 25 -11.55 -21.08 -13.62
CA VAL A 25 -11.81 -19.91 -14.48
C VAL A 25 -10.59 -19.01 -14.55
N GLY A 26 -10.48 -18.28 -15.65
CA GLY A 26 -9.37 -17.34 -15.78
C GLY A 26 -9.94 -15.97 -16.07
N TYR A 27 -9.31 -14.94 -15.50
CA TYR A 27 -9.78 -13.57 -15.68
C TYR A 27 -8.59 -12.72 -16.09
N VAL A 28 -8.85 -11.72 -16.93
CA VAL A 28 -7.97 -10.57 -17.08
C VAL A 28 -8.74 -9.42 -16.49
N ASP A 29 -8.18 -8.78 -15.44
CA ASP A 29 -8.88 -7.79 -14.62
C ASP A 29 -10.27 -8.35 -14.21
N ASP A 30 -11.37 -7.68 -14.59
CA ASP A 30 -12.73 -8.20 -14.29
C ASP A 30 -13.45 -8.80 -15.49
N THR A 31 -12.69 -9.28 -16.47
CA THR A 31 -13.25 -9.91 -17.65
C THR A 31 -12.87 -11.39 -17.64
N GLN A 32 -13.85 -12.27 -17.54
CA GLN A 32 -13.53 -13.71 -17.64
C GLN A 32 -13.18 -14.09 -19.07
N PHE A 33 -12.25 -15.03 -19.25
CA PHE A 33 -11.89 -15.47 -20.61
C PHE A 33 -11.84 -16.97 -20.84
N VAL A 34 -11.74 -17.78 -19.79
CA VAL A 34 -11.76 -19.24 -20.00
C VAL A 34 -12.52 -19.91 -18.85
N ARG A 35 -12.96 -21.14 -19.09
CA ARG A 35 -13.53 -21.93 -18.00
C ARG A 35 -13.23 -23.42 -18.21
N PHE A 36 -13.24 -24.19 -17.14
CA PHE A 36 -13.24 -25.64 -17.24
C PHE A 36 -14.15 -26.17 -16.14
N ASP A 37 -15.05 -27.08 -16.46
CA ASP A 37 -15.88 -27.74 -15.43
C ASP A 37 -15.78 -29.26 -15.62
N SER A 38 -15.42 -29.95 -14.55
CA SER A 38 -15.22 -31.40 -14.53
C SER A 38 -16.51 -32.17 -14.73
N ASP A 39 -17.65 -31.57 -14.45
CA ASP A 39 -18.91 -32.25 -14.75
C ASP A 39 -19.43 -32.06 -16.15
N ALA A 40 -18.85 -31.14 -16.93
CA ALA A 40 -19.38 -30.86 -18.27
C ALA A 40 -18.96 -31.94 -19.28
N ALA A 41 -19.72 -32.08 -20.36
CA ALA A 41 -19.51 -33.15 -21.34
C ALA A 41 -18.25 -32.95 -22.17
N SER A 42 -17.89 -31.68 -22.44
CA SER A 42 -16.85 -31.40 -23.43
C SER A 42 -15.48 -31.89 -22.97
N GLN A 43 -15.23 -31.76 -21.65
CA GLN A 43 -13.94 -32.08 -21.05
C GLN A 43 -12.83 -31.21 -21.65
N ARG A 44 -13.17 -29.95 -21.98
CA ARG A 44 -12.28 -29.04 -22.69
C ARG A 44 -12.19 -27.75 -21.93
N MET A 45 -11.03 -27.10 -21.92
CA MET A 45 -10.98 -25.67 -21.57
C MET A 45 -11.70 -24.91 -22.67
N GLU A 46 -12.61 -24.02 -22.27
CA GLU A 46 -13.54 -23.36 -23.19
C GLU A 46 -13.41 -21.85 -23.14
N PRO A 47 -13.61 -21.18 -24.30
CA PRO A 47 -13.56 -19.74 -24.41
C PRO A 47 -14.76 -19.08 -23.76
N ARG A 48 -14.51 -17.97 -23.06
CA ARG A 48 -15.62 -17.17 -22.46
C ARG A 48 -15.44 -15.65 -22.69
N ALA A 49 -14.61 -15.29 -23.67
CA ALA A 49 -14.44 -13.91 -24.10
C ALA A 49 -14.22 -13.98 -25.60
N PRO A 50 -14.73 -13.03 -26.40
CA PRO A 50 -14.51 -13.09 -27.88
C PRO A 50 -13.04 -13.05 -28.33
N TRP A 51 -12.20 -12.30 -27.63
CA TRP A 51 -10.82 -12.14 -28.05
C TRP A 51 -9.88 -13.32 -27.73
N ILE A 52 -10.36 -14.32 -26.98
CA ILE A 52 -9.57 -15.57 -26.74
C ILE A 52 -9.90 -16.60 -27.84
N GLU A 53 -11.01 -16.39 -28.55
CA GLU A 53 -11.46 -17.36 -29.59
C GLU A 53 -10.46 -17.54 -30.73
N GLN A 54 -9.68 -16.51 -31.01
CA GLN A 54 -8.65 -16.57 -32.06
C GLN A 54 -7.45 -17.49 -31.72
N GLU A 55 -7.24 -17.81 -30.44
CA GLU A 55 -6.21 -18.77 -30.07
C GLU A 55 -6.41 -20.10 -30.79
N GLY A 56 -5.30 -20.63 -31.30
CA GLY A 56 -5.31 -21.78 -32.19
C GLY A 56 -5.43 -23.09 -31.41
N PRO A 57 -5.41 -24.22 -32.13
CA PRO A 57 -5.71 -25.50 -31.49
C PRO A 57 -4.64 -25.92 -30.44
N GLU A 58 -3.38 -25.52 -30.64
CA GLU A 58 -2.33 -25.79 -29.64
C GLU A 58 -2.60 -25.18 -28.26
N TYR A 59 -3.14 -23.96 -28.24
CA TYR A 59 -3.56 -23.34 -27.02
C TYR A 59 -4.65 -24.15 -26.38
N TRP A 60 -5.75 -24.40 -27.10
CA TRP A 60 -6.85 -25.17 -26.52
C TRP A 60 -6.48 -26.57 -26.01
N ASP A 61 -5.65 -27.29 -26.76
CA ASP A 61 -5.18 -28.63 -26.40
C ASP A 61 -4.31 -28.57 -25.15
N GLY A 62 -3.36 -27.62 -25.13
CA GLY A 62 -2.38 -27.52 -24.02
C GLY A 62 -3.03 -26.97 -22.76
N GLU A 63 -3.95 -26.00 -22.91
CA GLU A 63 -4.64 -25.45 -21.75
C GLU A 63 -5.59 -26.50 -21.13
N THR A 64 -6.19 -27.36 -21.95
CA THR A 64 -7.03 -28.44 -21.44
C THR A 64 -6.17 -29.48 -20.70
N ARG A 65 -5.02 -29.79 -21.27
CA ARG A 65 -4.05 -30.69 -20.66
C ARG A 65 -3.63 -30.17 -19.28
N LYS A 66 -3.31 -28.87 -19.21
CA LYS A 66 -2.83 -28.32 -17.97
C LYS A 66 -3.92 -28.24 -16.93
N VAL A 67 -5.14 -27.90 -17.36
CA VAL A 67 -6.22 -27.70 -16.41
C VAL A 67 -6.61 -29.03 -15.80
N LYS A 68 -6.55 -30.10 -16.59
CA LYS A 68 -6.79 -31.47 -16.12
C LYS A 68 -5.71 -31.90 -15.14
N ALA A 69 -4.49 -31.44 -15.35
CA ALA A 69 -3.37 -31.71 -14.41
C ALA A 69 -3.55 -31.00 -13.09
N HIS A 70 -4.02 -29.73 -13.14
CA HIS A 70 -4.46 -28.99 -11.92
C HIS A 70 -5.59 -29.72 -11.18
N SER A 71 -6.55 -30.26 -11.94
CA SER A 71 -7.69 -31.01 -11.37
C SER A 71 -7.23 -32.27 -10.63
N GLN A 72 -6.26 -32.98 -11.21
CA GLN A 72 -5.72 -34.17 -10.56
C GLN A 72 -4.98 -33.84 -9.28
N THR A 73 -4.22 -32.76 -9.32
CA THR A 73 -3.52 -32.23 -8.18
C THR A 73 -4.48 -31.95 -7.00
N HIS A 74 -5.62 -31.34 -7.29
CA HIS A 74 -6.60 -31.03 -6.24
C HIS A 74 -7.29 -32.26 -5.72
N ARG A 75 -7.54 -33.25 -6.60
CA ARG A 75 -8.08 -34.55 -6.16
C ARG A 75 -7.21 -35.19 -5.07
N VAL A 76 -5.89 -35.20 -5.30
CA VAL A 76 -4.92 -35.69 -4.32
C VAL A 76 -4.95 -34.84 -3.04
N ASP A 77 -4.91 -33.50 -3.20
CA ASP A 77 -4.97 -32.50 -2.10
C ASP A 77 -6.12 -32.79 -1.12
N LEU A 78 -7.33 -32.97 -1.66
CA LEU A 78 -8.51 -33.29 -0.83
C LEU A 78 -8.29 -34.50 0.11
N GLY A 79 -7.75 -35.61 -0.41
CA GLY A 79 -7.37 -36.78 0.44
C GLY A 79 -6.29 -36.44 1.48
N THR A 80 -5.25 -35.72 1.05
CA THR A 80 -4.16 -35.35 1.95
C THR A 80 -4.67 -34.45 3.08
N LEU A 81 -5.51 -33.46 2.75
CA LEU A 81 -6.08 -32.52 3.71
C LEU A 81 -6.95 -33.18 4.73
N ARG A 82 -7.75 -34.15 4.30
CA ARG A 82 -8.53 -34.91 5.21
C ARG A 82 -7.60 -35.68 6.20
N GLY A 83 -6.46 -36.17 5.71
CA GLY A 83 -5.47 -36.85 6.58
C GLY A 83 -4.83 -35.86 7.56
N TYR A 84 -4.39 -34.71 7.05
CA TYR A 84 -3.77 -33.67 7.91
C TYR A 84 -4.72 -33.20 9.04
N TYR A 85 -6.00 -33.03 8.73
CA TYR A 85 -6.95 -32.58 9.73
C TYR A 85 -7.74 -33.67 10.49
N ASN A 86 -7.37 -34.94 10.33
CA ASN A 86 -8.12 -36.08 10.95
C ASN A 86 -9.63 -36.03 10.71
N GLN A 87 -10.01 -35.75 9.46
CA GLN A 87 -11.42 -35.63 9.07
C GLN A 87 -12.00 -36.91 8.51
N SER A 88 -13.29 -37.12 8.71
CA SER A 88 -13.89 -38.36 8.24
C SER A 88 -14.16 -38.33 6.71
N GLU A 89 -14.42 -39.53 6.19
CA GLU A 89 -14.73 -39.81 4.76
C GLU A 89 -16.03 -39.18 4.39
N ALA A 90 -16.88 -39.00 5.39
CA ALA A 90 -18.23 -38.54 5.26
C ALA A 90 -18.38 -37.19 4.56
N GLY A 91 -17.86 -36.13 5.16
CA GLY A 91 -18.28 -34.75 4.85
C GLY A 91 -17.64 -34.18 3.62
N SER A 92 -18.29 -33.20 3.01
CA SER A 92 -17.75 -32.55 1.82
C SER A 92 -16.77 -31.46 2.27
N HIS A 93 -15.65 -31.31 1.57
CA HIS A 93 -14.69 -30.29 1.87
C HIS A 93 -14.27 -29.53 0.60
N THR A 94 -13.67 -28.35 0.76
CA THR A 94 -13.40 -27.47 -0.35
C THR A 94 -11.94 -26.99 -0.35
N VAL A 95 -11.25 -27.22 -1.45
CA VAL A 95 -9.94 -26.63 -1.66
CA VAL A 95 -9.91 -26.63 -1.67
C VAL A 95 -10.05 -25.54 -2.71
N GLN A 96 -9.40 -24.41 -2.47
CA GLN A 96 -9.44 -23.33 -3.45
C GLN A 96 -8.04 -22.90 -3.71
N ARG A 97 -7.75 -22.57 -4.95
CA ARG A 97 -6.42 -22.05 -5.30
C ARG A 97 -6.53 -20.83 -6.21
N MET A 98 -5.67 -19.84 -6.02
CA MET A 98 -5.68 -18.68 -6.87
C MET A 98 -4.23 -18.36 -7.18
N TYR A 99 -3.92 -18.09 -8.43
CA TYR A 99 -2.63 -17.53 -8.75
C TYR A 99 -2.66 -16.55 -9.90
N GLY A 100 -1.60 -15.77 -10.04
CA GLY A 100 -1.59 -14.79 -11.09
C GLY A 100 -0.60 -13.65 -10.88
N CYS A 101 -0.63 -12.72 -11.81
CA CYS A 101 0.35 -11.63 -11.80
C CYS A 101 -0.33 -10.31 -12.10
N ASP A 102 0.25 -9.23 -11.58
CA ASP A 102 -0.16 -7.86 -11.84
C ASP A 102 0.95 -7.20 -12.66
N VAL A 103 0.55 -6.29 -13.56
CA VAL A 103 1.49 -5.38 -14.23
C VAL A 103 1.02 -3.95 -14.06
N GLY A 104 1.93 -2.99 -14.24
CA GLY A 104 1.61 -1.56 -14.11
C GLY A 104 0.99 -0.94 -15.35
N SER A 105 0.93 0.39 -15.38
CA SER A 105 0.59 1.19 -16.59
C SER A 105 1.42 0.91 -17.85
N ASP A 106 2.69 0.58 -17.65
CA ASP A 106 3.71 0.32 -18.66
C ASP A 106 3.87 -1.18 -18.98
N TRP A 107 3.01 -1.99 -18.37
CA TRP A 107 2.93 -3.45 -18.53
C TRP A 107 4.14 -4.23 -18.04
N ARG A 108 4.85 -3.66 -17.09
CA ARG A 108 5.93 -4.41 -16.52
C ARG A 108 5.45 -5.02 -15.22
N PHE A 109 6.00 -6.19 -14.90
CA PHE A 109 5.74 -6.92 -13.64
C PHE A 109 5.78 -6.03 -12.39
N LEU A 110 4.68 -6.08 -11.65
CA LEU A 110 4.48 -5.37 -10.39
C LEU A 110 4.64 -6.41 -9.29
N ARG A 111 3.73 -7.40 -9.27
CA ARG A 111 3.79 -8.46 -8.27
C ARG A 111 3.11 -9.77 -8.71
N GLY A 112 3.51 -10.86 -8.06
CA GLY A 112 2.93 -12.21 -8.28
C GLY A 112 2.26 -12.75 -7.03
N TYR A 113 1.38 -13.74 -7.19
CA TYR A 113 0.70 -14.30 -6.03
C TYR A 113 0.29 -15.73 -6.35
N HIS A 114 0.24 -16.56 -5.30
CA HIS A 114 -0.12 -17.97 -5.41
C HIS A 114 -0.60 -18.46 -4.02
N GLN A 115 -1.91 -18.66 -3.86
CA GLN A 115 -2.57 -18.83 -2.57
C GLN A 115 -3.51 -20.02 -2.59
N TYR A 116 -3.58 -20.75 -1.47
CA TYR A 116 -4.50 -21.88 -1.28
C TYR A 116 -5.36 -21.63 -0.07
N ALA A 117 -6.61 -22.09 -0.14
CA ALA A 117 -7.52 -22.17 1.00
C ALA A 117 -8.08 -23.56 1.19
N TYR A 118 -8.31 -23.95 2.43
CA TYR A 118 -9.08 -25.18 2.71
C TYR A 118 -10.31 -24.84 3.55
N ASP A 119 -11.51 -25.29 3.12
CA ASP A 119 -12.79 -24.99 3.78
C ASP A 119 -12.97 -23.49 4.14
N GLY A 120 -12.62 -22.62 3.17
CA GLY A 120 -12.87 -21.19 3.24
C GLY A 120 -11.89 -20.30 3.98
N LYS A 121 -10.78 -20.89 4.42
CA LYS A 121 -9.83 -20.22 5.31
C LYS A 121 -8.46 -20.29 4.64
N ASP A 122 -7.61 -19.25 4.79
CA ASP A 122 -6.22 -19.30 4.30
C ASP A 122 -5.51 -20.59 4.76
N TYR A 123 -4.83 -21.23 3.82
CA TYR A 123 -4.07 -22.42 4.12
C TYR A 123 -2.57 -22.09 3.99
N ILE A 124 -2.13 -21.88 2.74
CA ILE A 124 -0.72 -21.50 2.49
C ILE A 124 -0.66 -20.50 1.32
N ALA A 125 0.27 -19.55 1.43
CA ALA A 125 0.39 -18.48 0.44
C ALA A 125 1.87 -18.17 0.18
N LEU A 126 2.18 -18.03 -1.10
CA LEU A 126 3.43 -17.43 -1.53
C LEU A 126 3.52 -15.97 -1.08
N LYS A 127 4.66 -15.61 -0.46
CA LYS A 127 4.86 -14.26 0.03
C LYS A 127 5.25 -13.37 -1.15
N GLU A 128 5.26 -12.05 -0.93
CA GLU A 128 5.60 -11.06 -1.97
C GLU A 128 6.99 -11.18 -2.62
N ASP A 129 7.96 -11.77 -1.92
CA ASP A 129 9.30 -11.95 -2.48
C ASP A 129 9.36 -13.13 -3.48
N LEU A 130 8.28 -13.91 -3.50
CA LEU A 130 8.16 -15.15 -4.31
C LEU A 130 9.19 -16.23 -3.94
N ARG A 131 9.70 -16.15 -2.72
CA ARG A 131 10.79 -17.04 -2.26
C ARG A 131 10.39 -17.78 -0.98
N SER A 132 9.34 -17.31 -0.33
CA SER A 132 8.94 -17.91 0.95
C SER A 132 7.45 -18.03 1.10
N TRP A 133 7.04 -18.79 2.12
CA TRP A 133 5.66 -19.20 2.35
C TRP A 133 5.11 -18.68 3.68
N THR A 134 3.84 -18.27 3.70
CA THR A 134 3.02 -18.04 4.91
C THR A 134 2.08 -19.23 5.08
N ALA A 135 2.30 -20.01 6.13
CA ALA A 135 1.45 -21.17 6.46
C ALA A 135 0.55 -20.76 7.60
N ALA A 136 -0.74 -20.95 7.42
CA ALA A 136 -1.71 -20.38 8.32
C ALA A 136 -1.96 -21.16 9.60
N ASP A 137 -1.62 -22.46 9.63
CA ASP A 137 -1.78 -23.34 10.79
C ASP A 137 -0.72 -24.47 10.81
N MET A 138 -0.82 -25.45 11.73
CA MET A 138 0.21 -26.49 11.80
C MET A 138 0.19 -27.44 10.62
N ALA A 139 -1.02 -27.74 10.11
CA ALA A 139 -1.11 -28.59 8.92
C ALA A 139 -0.48 -27.95 7.69
N ALA A 140 -0.70 -26.67 7.47
CA ALA A 140 -0.07 -25.96 6.36
C ALA A 140 1.44 -25.84 6.53
N GLN A 141 1.97 -25.87 7.78
CA GLN A 141 3.40 -26.04 8.02
C GLN A 141 3.99 -27.31 7.39
N THR A 142 3.25 -28.43 7.45
CA THR A 142 3.69 -29.67 6.81
C THR A 142 3.85 -29.47 5.30
N THR A 143 2.86 -28.84 4.68
CA THR A 143 2.97 -28.46 3.27
C THR A 143 4.16 -27.54 2.98
N LYS A 144 4.33 -26.55 3.82
CA LYS A 144 5.52 -25.65 3.69
C LYS A 144 6.82 -26.42 3.68
N HIS A 145 6.97 -27.42 4.57
CA HIS A 145 8.23 -28.19 4.66
C HIS A 145 8.46 -28.92 3.35
N LYS A 146 7.38 -29.53 2.85
CA LYS A 146 7.42 -30.27 1.58
C LYS A 146 7.69 -29.38 0.39
N TRP A 147 7.10 -28.19 0.40
CA TRP A 147 7.25 -27.29 -0.76
C TRP A 147 8.60 -26.63 -0.77
N GLU A 148 9.14 -26.38 0.42
CA GLU A 148 10.53 -25.92 0.51
C GLU A 148 11.57 -26.95 0.04
N ALA A 149 11.43 -28.21 0.48
CA ALA A 149 12.32 -29.31 0.10
C ALA A 149 12.28 -29.55 -1.43
N ALA A 150 11.11 -29.33 -2.03
CA ALA A 150 10.91 -29.55 -3.48
C ALA A 150 11.18 -28.31 -4.35
N HIS A 151 11.57 -27.20 -3.72
CA HIS A 151 11.81 -25.90 -4.43
C HIS A 151 10.64 -25.44 -5.30
N VAL A 152 9.44 -25.51 -4.73
CA VAL A 152 8.21 -25.10 -5.41
C VAL A 152 8.19 -23.61 -5.68
N ALA A 153 8.65 -22.81 -4.71
CA ALA A 153 8.70 -21.36 -4.91
C ALA A 153 9.51 -20.88 -6.15
N GLU A 154 10.64 -21.53 -6.40
CA GLU A 154 11.47 -21.20 -7.55
C GLU A 154 10.77 -21.48 -8.85
N GLN A 155 9.97 -22.54 -8.90
CA GLN A 155 9.23 -22.85 -10.13
C GLN A 155 8.10 -21.88 -10.33
N LEU A 156 7.40 -21.53 -9.25
CA LEU A 156 6.36 -20.52 -9.32
C LEU A 156 6.86 -19.13 -9.71
N ARG A 157 7.97 -18.70 -9.10
CA ARG A 157 8.53 -17.40 -9.40
C ARG A 157 8.83 -17.26 -10.91
N ALA A 158 9.40 -18.31 -11.51
CA ALA A 158 9.77 -18.25 -12.93
C ALA A 158 8.52 -18.13 -13.80
N TYR A 159 7.43 -18.80 -13.38
CA TYR A 159 6.16 -18.67 -14.10
C TYR A 159 5.54 -17.27 -13.96
N LEU A 160 5.46 -16.77 -12.72
CA LEU A 160 4.77 -15.53 -12.39
C LEU A 160 5.49 -14.32 -12.94
N GLU A 161 6.81 -14.34 -12.89
CA GLU A 161 7.59 -13.24 -13.50
C GLU A 161 7.73 -13.33 -15.01
N GLY A 162 7.49 -14.51 -15.60
CA GLY A 162 7.77 -14.72 -17.05
C GLY A 162 6.49 -15.00 -17.84
N THR A 163 6.18 -16.29 -18.03
CA THR A 163 4.96 -16.79 -18.72
C THR A 163 3.69 -16.04 -18.40
N CYS A 164 3.36 -15.90 -17.11
CA CYS A 164 2.17 -15.15 -16.66
C CYS A 164 2.06 -13.75 -17.29
N VAL A 165 3.14 -12.98 -17.17
CA VAL A 165 3.21 -11.61 -17.68
C VAL A 165 3.21 -11.63 -19.23
N GLU A 166 3.88 -12.62 -19.81
CA GLU A 166 3.91 -12.81 -21.29
C GLU A 166 2.49 -13.00 -21.87
N TRP A 167 1.69 -13.84 -21.22
CA TRP A 167 0.36 -14.11 -21.72
C TRP A 167 -0.62 -12.95 -21.45
N LEU A 168 -0.45 -12.30 -20.29
CA LEU A 168 -1.21 -11.11 -19.95
C LEU A 168 -1.07 -9.98 -21.00
N ARG A 169 0.17 -9.66 -21.37
CA ARG A 169 0.46 -8.66 -22.41
C ARG A 169 -0.14 -9.02 -23.77
N ARG A 170 -0.10 -10.31 -24.10
CA ARG A 170 -0.68 -10.83 -25.33
C ARG A 170 -2.21 -10.62 -25.33
N TYR A 171 -2.85 -10.92 -24.22
CA TYR A 171 -4.31 -10.73 -24.09
C TYR A 171 -4.73 -9.26 -24.14
N LEU A 172 -4.01 -8.42 -23.41
CA LEU A 172 -4.23 -6.97 -23.43
C LEU A 172 -4.13 -6.39 -24.86
N GLU A 173 -3.22 -6.93 -25.67
CA GLU A 173 -3.11 -6.56 -27.07
C GLU A 173 -4.26 -7.09 -27.94
N ASN A 174 -4.55 -8.38 -27.83
CA ASN A 174 -5.58 -8.99 -28.71
C ASN A 174 -6.98 -8.57 -28.35
N GLY A 175 -7.22 -8.33 -27.07
CA GLY A 175 -8.52 -7.91 -26.64
C GLY A 175 -8.58 -6.48 -26.20
N LYS A 176 -7.77 -5.61 -26.82
CA LYS A 176 -7.65 -4.20 -26.42
C LYS A 176 -8.96 -3.44 -26.29
N GLU A 177 -9.87 -3.66 -27.24
CA GLU A 177 -11.19 -3.05 -27.27
C GLU A 177 -11.96 -3.31 -25.97
N THR A 178 -11.96 -4.56 -25.52
CA THR A 178 -12.55 -4.97 -24.24
C THR A 178 -11.72 -4.62 -23.01
N LEU A 179 -10.43 -4.92 -23.06
CA LEU A 179 -9.62 -4.94 -21.84
C LEU A 179 -9.00 -3.60 -21.47
N GLN A 180 -8.59 -2.83 -22.47
CA GLN A 180 -7.98 -1.52 -22.24
C GLN A 180 -9.03 -0.45 -22.49
N ARG A 181 -10.11 -0.49 -21.70
CA ARG A 181 -11.15 0.46 -21.87
C ARG A 181 -11.50 0.88 -20.47
N THR A 182 -12.13 2.03 -20.38
CA THR A 182 -12.66 2.44 -19.13
C THR A 182 -14.05 2.93 -19.42
N ASP A 183 -15.06 2.40 -18.74
CA ASP A 183 -16.42 2.97 -18.87
C ASP A 183 -16.71 3.70 -17.56
N ALA A 184 -16.74 5.04 -17.62
CA ALA A 184 -17.11 5.87 -16.45
C ALA A 184 -18.53 5.55 -15.98
N PRO A 185 -18.79 5.55 -14.66
CA PRO A 185 -20.17 5.27 -14.17
C PRO A 185 -21.15 6.36 -14.57
N LYS A 186 -22.36 5.96 -14.89
CA LYS A 186 -23.45 6.90 -15.05
C LYS A 186 -24.07 6.97 -13.66
N THR A 187 -24.11 8.16 -13.07
CA THR A 187 -24.49 8.30 -11.69
C THR A 187 -25.80 9.10 -11.51
N HIS A 188 -26.57 8.74 -10.48
CA HIS A 188 -27.78 9.46 -10.09
C HIS A 188 -28.12 9.10 -8.65
N MET A 189 -28.98 9.90 -8.03
CA MET A 189 -29.49 9.51 -6.72
C MET A 189 -31.00 9.38 -6.78
N THR A 190 -31.59 8.41 -6.05
CA THR A 190 -33.05 8.30 -5.97
C THR A 190 -33.49 8.66 -4.53
N HIS A 191 -34.75 9.09 -4.38
CA HIS A 191 -35.31 9.54 -3.13
C HIS A 191 -36.68 8.85 -2.99
N HIS A 192 -36.88 8.11 -1.92
CA HIS A 192 -38.24 7.58 -1.64
C HIS A 192 -38.58 7.68 -0.17
N ALA A 193 -39.75 8.23 0.12
CA ALA A 193 -40.28 8.25 1.50
C ALA A 193 -40.38 6.84 2.03
N VAL A 194 -39.97 6.60 3.28
CA VAL A 194 -40.38 5.34 3.94
C VAL A 194 -41.53 5.52 4.93
N SER A 195 -41.71 6.75 5.39
CA SER A 195 -42.86 7.13 6.23
C SER A 195 -42.96 8.63 6.00
N ASP A 196 -43.80 9.32 6.77
CA ASP A 196 -43.91 10.78 6.66
C ASP A 196 -42.76 11.52 7.32
N HIS A 197 -41.86 10.82 8.02
CA HIS A 197 -40.74 11.49 8.65
C HIS A 197 -39.36 11.03 8.14
N GLU A 198 -39.31 9.98 7.29
CA GLU A 198 -38.01 9.51 6.79
C GLU A 198 -37.96 9.18 5.29
N ALA A 199 -36.79 9.35 4.71
CA ALA A 199 -36.62 9.05 3.30
C ALA A 199 -35.36 8.26 3.05
N THR A 200 -35.44 7.27 2.16
CA THR A 200 -34.23 6.60 1.68
C THR A 200 -33.56 7.38 0.54
N LEU A 201 -32.27 7.68 0.67
CA LEU A 201 -31.51 8.32 -0.40
C LEU A 201 -30.61 7.20 -0.91
N ARG A 202 -30.65 6.89 -2.21
CA ARG A 202 -29.81 5.79 -2.73
C ARG A 202 -28.95 6.36 -3.88
N CYS A 203 -27.65 6.21 -3.77
CA CYS A 203 -26.73 6.74 -4.75
C CYS A 203 -26.34 5.60 -5.67
N TRP A 204 -26.51 5.81 -6.96
CA TRP A 204 -26.37 4.79 -7.99
C TRP A 204 -25.17 5.08 -8.89
N ALA A 205 -24.49 4.00 -9.26
CA ALA A 205 -23.43 4.04 -10.27
C ALA A 205 -23.73 2.88 -11.20
N LEU A 206 -23.87 3.17 -12.50
CA LEU A 206 -24.21 2.18 -13.49
C LEU A 206 -23.25 2.18 -14.69
N SER A 207 -23.16 1.02 -15.34
CA SER A 207 -22.55 0.84 -16.63
C SER A 207 -21.08 1.14 -16.57
N PHE A 208 -20.43 0.78 -15.48
CA PHE A 208 -18.99 1.08 -15.34
C PHE A 208 -18.02 -0.10 -15.52
N TYR A 209 -16.79 0.22 -15.87
CA TYR A 209 -15.74 -0.80 -16.01
C TYR A 209 -14.41 -0.06 -15.87
N PRO A 210 -13.45 -0.57 -15.08
CA PRO A 210 -13.45 -1.84 -14.29
C PRO A 210 -14.32 -1.77 -13.05
N ALA A 211 -14.39 -2.87 -12.28
CA ALA A 211 -15.39 -2.99 -11.20
C ALA A 211 -15.05 -2.12 -9.98
N GLU A 212 -13.76 -1.81 -9.82
CA GLU A 212 -13.29 -1.03 -8.68
C GLU A 212 -13.97 0.34 -8.68
N ILE A 213 -14.60 0.68 -7.56
CA ILE A 213 -15.28 1.96 -7.40
C ILE A 213 -15.42 2.29 -5.91
N THR A 214 -15.47 3.57 -5.59
CA THR A 214 -15.88 3.99 -4.25
C THR A 214 -17.10 4.91 -4.30
N LEU A 215 -18.11 4.56 -3.51
CA LEU A 215 -19.33 5.31 -3.29
C LEU A 215 -19.44 5.59 -1.80
N THR A 216 -19.58 6.87 -1.45
CA THR A 216 -19.72 7.25 -0.06
C THR A 216 -20.78 8.35 0.12
N TRP A 217 -21.40 8.39 1.29
CA TRP A 217 -22.33 9.41 1.72
C TRP A 217 -21.63 10.30 2.74
N GLN A 218 -21.79 11.61 2.55
CA GLN A 218 -21.46 12.59 3.58
C GLN A 218 -22.68 13.38 4.08
N ARG A 219 -22.71 13.68 5.38
CA ARG A 219 -23.68 14.63 5.94
C ARG A 219 -22.91 15.87 6.41
N ASP A 220 -23.22 17.04 5.84
CA ASP A 220 -22.40 18.29 6.07
C ASP A 220 -20.88 18.06 5.93
N GLY A 221 -20.51 17.25 4.94
CA GLY A 221 -19.11 16.92 4.75
C GLY A 221 -18.50 15.83 5.61
N GLU A 222 -19.29 15.24 6.51
CA GLU A 222 -18.82 14.19 7.41
C GLU A 222 -19.23 12.82 6.93
N ASP A 223 -18.27 11.88 6.88
CA ASP A 223 -18.56 10.54 6.35
C ASP A 223 -19.60 9.85 7.23
N GLN A 224 -20.48 9.16 6.56
CA GLN A 224 -21.64 8.51 7.19
C GLN A 224 -21.50 7.01 7.09
N THR A 225 -20.28 6.54 7.29
CA THR A 225 -19.99 5.16 6.93
C THR A 225 -20.79 4.08 7.69
N GLN A 226 -21.04 4.29 8.98
CA GLN A 226 -21.82 3.32 9.78
C GLN A 226 -23.31 3.37 9.49
N ASP A 227 -23.77 4.40 8.82
CA ASP A 227 -25.20 4.48 8.55
C ASP A 227 -25.50 4.13 7.09
N THR A 228 -24.45 3.81 6.33
CA THR A 228 -24.57 3.57 4.91
C THR A 228 -24.77 2.08 4.66
N GLU A 229 -25.76 1.77 3.82
CA GLU A 229 -25.88 0.40 3.33
C GLU A 229 -25.21 0.31 1.96
N LEU A 230 -24.16 -0.46 1.85
CA LEU A 230 -23.34 -0.47 0.62
C LEU A 230 -23.46 -1.86 -0.01
N VAL A 231 -24.13 -2.03 -1.15
CA VAL A 231 -24.17 -3.41 -1.75
C VAL A 231 -22.90 -3.81 -2.46
N GLU A 232 -22.69 -5.13 -2.59
CA GLU A 232 -21.56 -5.63 -3.35
CA GLU A 232 -21.58 -5.70 -3.37
C GLU A 232 -21.70 -5.22 -4.82
N THR A 233 -20.59 -4.78 -5.41
CA THR A 233 -20.55 -4.43 -6.85
C THR A 233 -20.98 -5.66 -7.63
N ARG A 234 -21.88 -5.48 -8.60
CA ARG A 234 -22.55 -6.60 -9.23
C ARG A 234 -22.45 -6.43 -10.74
N PRO A 235 -22.39 -7.56 -11.46
CA PRO A 235 -22.30 -7.51 -12.92
C PRO A 235 -23.64 -7.18 -13.51
N ALA A 236 -23.66 -6.26 -14.50
CA ALA A 236 -24.87 -6.03 -15.33
C ALA A 236 -25.13 -7.19 -16.28
N GLY A 237 -24.08 -7.93 -16.65
CA GLY A 237 -24.19 -9.05 -17.59
C GLY A 237 -23.69 -8.73 -18.98
N ASP A 238 -23.41 -7.45 -19.24
CA ASP A 238 -22.96 -6.96 -20.57
C ASP A 238 -21.48 -6.59 -20.56
N GLY A 239 -20.78 -6.94 -19.48
CA GLY A 239 -19.38 -6.54 -19.35
C GLY A 239 -19.18 -5.30 -18.49
N THR A 240 -20.26 -4.69 -18.00
CA THR A 240 -20.13 -3.58 -17.07
C THR A 240 -20.67 -3.90 -15.67
N PHE A 241 -20.47 -2.98 -14.72
CA PHE A 241 -20.83 -3.22 -13.31
C PHE A 241 -21.77 -2.16 -12.77
N GLN A 242 -22.36 -2.45 -11.61
CA GLN A 242 -23.38 -1.59 -10.98
C GLN A 242 -23.11 -1.63 -9.49
N LYS A 243 -23.42 -0.56 -8.80
CA LYS A 243 -23.31 -0.53 -7.31
C LYS A 243 -24.24 0.58 -6.78
N TRP A 244 -24.75 0.40 -5.56
CA TRP A 244 -25.45 1.47 -4.92
C TRP A 244 -25.07 1.59 -3.45
N ALA A 245 -25.29 2.77 -2.89
CA ALA A 245 -25.14 3.05 -1.47
C ALA A 245 -26.37 3.83 -0.99
N ALA A 246 -26.93 3.42 0.14
CA ALA A 246 -28.13 4.09 0.71
C ALA A 246 -27.98 4.50 2.16
N VAL A 247 -28.64 5.61 2.49
CA VAL A 247 -28.84 6.06 3.87
C VAL A 247 -30.33 6.39 4.05
N VAL A 248 -30.83 6.22 5.27
CA VAL A 248 -32.20 6.62 5.55
C VAL A 248 -32.10 7.90 6.39
N VAL A 249 -32.68 9.01 5.91
CA VAL A 249 -32.51 10.29 6.58
C VAL A 249 -33.84 10.91 7.04
N PRO A 250 -33.79 11.86 8.01
CA PRO A 250 -35.02 12.59 8.30
C PRO A 250 -35.42 13.49 7.13
N SER A 251 -36.69 13.36 6.75
CA SER A 251 -37.35 14.27 5.79
C SER A 251 -37.06 15.72 6.12
N GLY A 252 -36.51 16.45 5.15
CA GLY A 252 -36.18 17.85 5.39
C GLY A 252 -34.67 18.04 5.41
N GLN A 253 -33.92 16.97 5.71
CA GLN A 253 -32.47 17.11 5.79
C GLN A 253 -31.75 16.70 4.53
N GLU A 254 -32.48 16.43 3.44
CA GLU A 254 -31.86 15.90 2.20
C GLU A 254 -30.66 16.72 1.73
N GLN A 255 -30.78 18.04 1.84
CA GLN A 255 -29.74 18.97 1.38
C GLN A 255 -28.43 18.93 2.17
N ARG A 256 -28.45 18.33 3.36
CA ARG A 256 -27.20 18.08 4.09
C ARG A 256 -26.38 16.93 3.47
N TYR A 257 -27.04 16.08 2.70
CA TYR A 257 -26.46 14.81 2.30
C TYR A 257 -25.92 14.82 0.87
N THR A 258 -24.66 14.39 0.71
CA THR A 258 -24.05 14.35 -0.62
C THR A 258 -23.46 12.94 -0.89
N CYS A 259 -23.47 12.53 -2.16
CA CYS A 259 -22.93 11.24 -2.48
C CYS A 259 -21.69 11.50 -3.30
N HIS A 260 -20.69 10.66 -3.10
CA HIS A 260 -19.34 10.93 -3.61
C HIS A 260 -18.86 9.70 -4.38
N VAL A 261 -18.51 9.89 -5.65
CA VAL A 261 -18.21 8.74 -6.53
C VAL A 261 -16.79 8.87 -7.06
N GLN A 262 -15.96 7.84 -6.82
CA GLN A 262 -14.61 7.79 -7.40
C GLN A 262 -14.48 6.54 -8.30
N HIS A 263 -13.96 6.73 -9.51
CA HIS A 263 -13.75 5.65 -10.49
C HIS A 263 -12.68 6.10 -11.46
N GLU A 264 -11.89 5.16 -11.97
CA GLU A 264 -10.74 5.56 -12.81
C GLU A 264 -11.20 6.18 -14.15
N GLY A 265 -12.43 5.89 -14.56
CA GLY A 265 -13.05 6.51 -15.72
C GLY A 265 -13.50 7.95 -15.61
N LEU A 266 -13.65 8.44 -14.38
CA LEU A 266 -14.07 9.80 -14.14
C LEU A 266 -12.86 10.71 -14.29
N PRO A 267 -13.00 11.79 -15.09
CA PRO A 267 -11.92 12.77 -15.15
C PRO A 267 -11.62 13.44 -13.79
N LYS A 268 -12.66 13.55 -12.94
CA LYS A 268 -12.61 14.02 -11.54
C LYS A 268 -13.64 13.26 -10.70
N PRO A 269 -13.40 13.05 -9.37
CA PRO A 269 -14.51 12.50 -8.56
C PRO A 269 -15.77 13.37 -8.58
N LEU A 270 -16.92 12.72 -8.64
CA LEU A 270 -18.20 13.42 -8.67
C LEU A 270 -18.76 13.58 -7.27
N THR A 271 -19.45 14.71 -7.09
CA THR A 271 -20.25 14.94 -5.93
C THR A 271 -21.70 15.18 -6.40
N LEU A 272 -22.60 14.36 -5.90
CA LEU A 272 -24.01 14.46 -6.24
CA LEU A 272 -24.01 14.51 -6.26
C LEU A 272 -24.76 15.11 -5.09
N ARG A 273 -25.69 15.99 -5.41
CA ARG A 273 -26.37 16.82 -4.39
C ARG A 273 -27.86 16.82 -4.59
N TRP A 274 -28.55 17.18 -3.53
CA TRP A 274 -30.03 17.32 -3.54
C TRP A 274 -30.47 18.79 -3.68
N GLU A 275 -29.58 19.62 -4.19
CA GLU A 275 -29.87 21.04 -4.43
C GLU A 275 -28.93 21.54 -5.52
N MET B 1 -16.84 -25.75 10.58
CA MET B 1 -16.51 -25.33 9.21
C MET B 1 -17.06 -23.92 9.08
N ILE B 2 -16.27 -23.12 8.39
CA ILE B 2 -16.64 -21.81 7.90
C ILE B 2 -17.89 -21.90 7.04
N GLN B 3 -18.85 -21.06 7.35
CA GLN B 3 -20.00 -20.88 6.51
C GLN B 3 -20.25 -19.39 6.39
N ARG B 4 -20.50 -18.94 5.16
CA ARG B 4 -20.82 -17.52 4.90
C ARG B 4 -22.13 -17.42 4.12
N THR B 5 -22.97 -16.48 4.52
CA THR B 5 -24.33 -16.36 3.98
C THR B 5 -24.29 -15.68 2.62
N PRO B 6 -25.02 -16.20 1.61
CA PRO B 6 -25.16 -15.45 0.33
C PRO B 6 -25.87 -14.09 0.51
N LYS B 7 -25.29 -13.05 -0.13
CA LYS B 7 -25.90 -11.74 -0.22
C LYS B 7 -26.56 -11.76 -1.60
N ILE B 8 -27.86 -11.49 -1.65
CA ILE B 8 -28.66 -11.80 -2.86
C ILE B 8 -29.15 -10.47 -3.37
N GLN B 9 -28.97 -10.22 -4.66
CA GLN B 9 -29.51 -9.02 -5.29
C GLN B 9 -30.24 -9.39 -6.56
N VAL B 10 -31.44 -8.83 -6.77
CA VAL B 10 -32.30 -9.08 -7.96
C VAL B 10 -32.56 -7.77 -8.65
N TYR B 11 -32.29 -7.72 -9.97
CA TYR B 11 -32.19 -6.43 -10.65
C TYR B 11 -32.14 -6.67 -12.14
N SER B 12 -32.51 -5.65 -12.90
CA SER B 12 -32.46 -5.76 -14.33
C SER B 12 -31.15 -5.16 -14.82
N ARG B 13 -30.70 -5.66 -15.97
CA ARG B 13 -29.49 -5.10 -16.61
C ARG B 13 -29.61 -3.61 -16.94
N HIS B 14 -30.69 -3.22 -17.60
CA HIS B 14 -31.02 -1.85 -17.99
C HIS B 14 -32.23 -1.36 -17.18
N PRO B 15 -32.43 -0.01 -17.07
CA PRO B 15 -33.64 0.50 -16.43
C PRO B 15 -34.88 -0.13 -17.07
N ALA B 16 -35.79 -0.63 -16.25
CA ALA B 16 -36.91 -1.41 -16.76
C ALA B 16 -37.96 -0.49 -17.39
N GLU B 17 -38.55 -0.94 -18.48
CA GLU B 17 -39.60 -0.18 -19.15
C GLU B 17 -40.55 -1.23 -19.71
N ASN B 18 -41.82 -1.16 -19.33
CA ASN B 18 -42.83 -2.14 -19.75
C ASN B 18 -42.84 -2.32 -21.26
N GLY B 19 -42.69 -3.56 -21.71
CA GLY B 19 -42.78 -3.85 -23.15
C GLY B 19 -41.44 -3.90 -23.85
N LYS B 20 -40.37 -3.49 -23.17
CA LYS B 20 -39.04 -3.48 -23.75
C LYS B 20 -38.21 -4.62 -23.18
N SER B 21 -37.68 -5.48 -24.05
CA SER B 21 -36.88 -6.61 -23.55
C SER B 21 -35.60 -6.16 -22.84
N ASN B 22 -35.15 -7.00 -21.91
CA ASN B 22 -34.19 -6.63 -20.87
C ASN B 22 -33.61 -7.96 -20.39
N PHE B 23 -32.82 -7.93 -19.33
CA PHE B 23 -32.29 -9.10 -18.71
C PHE B 23 -32.54 -9.02 -17.23
N LEU B 24 -33.06 -10.10 -16.67
CA LEU B 24 -33.28 -10.21 -15.23
C LEU B 24 -32.14 -10.96 -14.57
N ASN B 25 -31.54 -10.38 -13.54
CA ASN B 25 -30.31 -10.93 -12.92
C ASN B 25 -30.60 -11.26 -11.48
N CYS B 26 -30.02 -12.36 -10.99
CA CYS B 26 -29.92 -12.60 -9.56
C CYS B 26 -28.47 -12.90 -9.25
N TYR B 27 -27.83 -11.97 -8.55
CA TYR B 27 -26.43 -12.09 -8.22
C TYR B 27 -26.33 -12.56 -6.76
N VAL B 28 -25.67 -13.69 -6.55
CA VAL B 28 -25.45 -14.18 -5.19
C VAL B 28 -23.94 -14.10 -4.90
N SER B 29 -23.55 -13.46 -3.82
CA SER B 29 -22.08 -13.29 -3.59
C SER B 29 -21.77 -13.50 -2.11
N GLY B 30 -20.49 -13.68 -1.78
CA GLY B 30 -20.08 -13.68 -0.37
C GLY B 30 -20.38 -14.99 0.35
N PHE B 31 -20.62 -16.08 -0.38
CA PHE B 31 -21.10 -17.32 0.24
C PHE B 31 -20.03 -18.38 0.36
N HIS B 32 -20.22 -19.30 1.30
CA HIS B 32 -19.31 -20.44 1.50
C HIS B 32 -20.05 -21.48 2.36
N PRO B 33 -20.08 -22.78 1.98
CA PRO B 33 -19.50 -23.48 0.83
C PRO B 33 -20.23 -23.19 -0.48
N SER B 34 -19.81 -23.84 -1.55
CA SER B 34 -20.27 -23.40 -2.87
C SER B 34 -21.59 -24.00 -3.30
N ASP B 35 -22.03 -25.09 -2.65
CA ASP B 35 -23.32 -25.72 -2.96
CA ASP B 35 -23.34 -25.72 -2.91
C ASP B 35 -24.44 -24.67 -2.68
N ILE B 36 -25.22 -24.34 -3.71
CA ILE B 36 -26.28 -23.33 -3.58
C ILE B 36 -27.38 -23.60 -4.65
N GLU B 37 -28.62 -23.22 -4.36
CA GLU B 37 -29.74 -23.40 -5.29
C GLU B 37 -30.24 -22.02 -5.53
N VAL B 38 -30.34 -21.62 -6.79
CA VAL B 38 -30.78 -20.25 -7.10
C VAL B 38 -31.79 -20.45 -8.21
N ASP B 39 -33.01 -19.95 -8.02
CA ASP B 39 -34.02 -19.95 -9.09
C ASP B 39 -34.59 -18.55 -9.29
N LEU B 40 -34.85 -18.18 -10.54
CA LEU B 40 -35.57 -16.98 -10.82
C LEU B 40 -37.05 -17.35 -10.86
N LEU B 41 -37.89 -16.51 -10.24
CA LEU B 41 -39.34 -16.76 -10.27
C LEU B 41 -40.13 -15.71 -11.06
N LYS B 42 -41.22 -16.15 -11.69
CA LYS B 42 -42.17 -15.29 -12.41
C LYS B 42 -43.55 -15.64 -11.85
N ASN B 43 -44.12 -14.69 -11.11
CA ASN B 43 -45.38 -14.84 -10.39
C ASN B 43 -45.41 -16.11 -9.54
N GLY B 44 -44.30 -16.35 -8.87
CA GLY B 44 -44.16 -17.51 -8.00
C GLY B 44 -43.70 -18.79 -8.67
N GLU B 45 -43.60 -18.82 -9.99
CA GLU B 45 -43.19 -20.05 -10.67
C GLU B 45 -41.77 -19.96 -11.17
N ARG B 46 -41.06 -21.10 -11.11
CA ARG B 46 -39.68 -21.19 -11.62
C ARG B 46 -39.60 -20.93 -13.14
N ILE B 47 -38.71 -20.00 -13.53
CA ILE B 47 -38.42 -19.72 -14.94
C ILE B 47 -37.46 -20.84 -15.39
N GLU B 48 -37.73 -21.43 -16.55
CA GLU B 48 -36.98 -22.61 -17.04
C GLU B 48 -35.65 -22.29 -17.70
N LYS B 49 -35.63 -21.32 -18.58
CA LYS B 49 -34.45 -21.08 -19.41
C LYS B 49 -33.53 -20.09 -18.70
N VAL B 50 -32.90 -20.54 -17.60
CA VAL B 50 -32.06 -19.61 -16.78
C VAL B 50 -30.58 -20.00 -16.91
N GLU B 51 -29.71 -19.04 -17.22
CA GLU B 51 -28.30 -19.36 -17.34
C GLU B 51 -27.54 -18.90 -16.10
N HIS B 52 -26.34 -19.44 -15.88
CA HIS B 52 -25.52 -18.87 -14.82
C HIS B 52 -24.08 -18.79 -15.23
N SER B 53 -23.38 -17.87 -14.57
CA SER B 53 -21.94 -17.74 -14.69
C SER B 53 -21.18 -18.96 -14.15
N ASP B 54 -19.92 -19.06 -14.52
CA ASP B 54 -19.01 -20.08 -13.96
C ASP B 54 -18.58 -19.70 -12.54
N LEU B 55 -18.55 -20.70 -11.64
CA LEU B 55 -18.20 -20.48 -10.22
C LEU B 55 -16.83 -19.80 -10.08
N SER B 56 -16.81 -18.68 -9.37
CA SER B 56 -15.57 -17.92 -9.16
C SER B 56 -15.65 -17.42 -7.74
N PHE B 57 -14.61 -16.72 -7.28
CA PHE B 57 -14.53 -16.32 -5.88
C PHE B 57 -13.70 -15.06 -5.68
N SER B 58 -13.90 -14.42 -4.54
CA SER B 58 -13.30 -13.10 -4.28
C SER B 58 -12.04 -13.29 -3.49
N LYS B 59 -11.35 -12.19 -3.21
CA LYS B 59 -10.11 -12.22 -2.44
C LYS B 59 -10.24 -12.91 -1.09
N ASP B 60 -11.40 -12.80 -0.45
CA ASP B 60 -11.63 -13.45 0.86
C ASP B 60 -12.08 -14.91 0.79
N TRP B 61 -12.08 -15.46 -0.44
CA TRP B 61 -12.40 -16.87 -0.77
C TRP B 61 -13.90 -17.15 -0.95
N SER B 62 -14.75 -16.16 -0.69
CA SER B 62 -16.18 -16.39 -0.74
C SER B 62 -16.62 -16.43 -2.20
N PHE B 63 -17.63 -17.22 -2.52
CA PHE B 63 -17.99 -17.48 -3.91
C PHE B 63 -18.98 -16.47 -4.44
N TYR B 64 -19.06 -16.37 -5.76
CA TYR B 64 -20.09 -15.57 -6.40
C TYR B 64 -20.57 -16.21 -7.71
N LEU B 65 -21.86 -16.03 -7.95
CA LEU B 65 -22.56 -16.51 -9.16
C LEU B 65 -23.61 -15.47 -9.64
N LEU B 66 -23.71 -15.32 -10.96
CA LEU B 66 -24.78 -14.56 -11.58
C LEU B 66 -25.73 -15.53 -12.32
N TYR B 67 -27.02 -15.46 -12.01
CA TYR B 67 -28.07 -16.17 -12.70
C TYR B 67 -28.86 -15.14 -13.45
N TYR B 68 -29.29 -15.48 -14.67
CA TYR B 68 -29.87 -14.49 -15.57
C TYR B 68 -30.73 -15.09 -16.66
N THR B 69 -31.66 -14.27 -17.16
CA THR B 69 -32.55 -14.69 -18.21
C THR B 69 -33.01 -13.42 -18.90
N GLU B 70 -33.37 -13.54 -20.18
CA GLU B 70 -33.97 -12.44 -20.89
C GLU B 70 -35.40 -12.39 -20.42
N PHE B 71 -35.93 -11.17 -20.28
CA PHE B 71 -37.34 -10.95 -19.95
C PHE B 71 -37.85 -9.61 -20.47
N THR B 72 -39.17 -9.48 -20.54
CA THR B 72 -39.79 -8.25 -20.94
C THR B 72 -40.73 -7.82 -19.81
N PRO B 73 -40.35 -6.78 -19.03
CA PRO B 73 -41.16 -6.34 -17.87
C PRO B 73 -42.55 -5.93 -18.25
N THR B 74 -43.50 -6.22 -17.40
CA THR B 74 -44.84 -5.71 -17.63
C THR B 74 -45.31 -5.14 -16.31
N GLU B 75 -46.53 -4.64 -16.33
CA GLU B 75 -47.20 -4.04 -15.21
C GLU B 75 -47.49 -5.09 -14.14
N LYS B 76 -48.15 -6.18 -14.53
CA LYS B 76 -48.66 -7.16 -13.57
C LYS B 76 -47.61 -8.20 -13.13
N ASP B 77 -46.58 -8.45 -13.94
CA ASP B 77 -45.69 -9.59 -13.66
C ASP B 77 -44.72 -9.29 -12.55
N GLU B 78 -44.69 -10.22 -11.60
CA GLU B 78 -43.84 -10.10 -10.43
C GLU B 78 -42.72 -11.08 -10.56
N TYR B 79 -41.51 -10.56 -10.34
CA TYR B 79 -40.28 -11.32 -10.46
C TYR B 79 -39.55 -11.45 -9.13
N ALA B 80 -38.85 -12.58 -8.92
CA ALA B 80 -38.14 -12.82 -7.66
C ALA B 80 -37.00 -13.79 -7.84
N CYS B 81 -36.10 -13.82 -6.86
CA CYS B 81 -35.05 -14.82 -6.85
C CYS B 81 -35.17 -15.69 -5.58
N ARG B 82 -35.12 -17.00 -5.73
CA ARG B 82 -35.20 -17.90 -4.59
C ARG B 82 -33.90 -18.64 -4.38
N VAL B 83 -33.32 -18.48 -3.19
CA VAL B 83 -32.01 -19.04 -2.87
C VAL B 83 -32.10 -20.00 -1.65
N ASN B 84 -31.54 -21.21 -1.75
CA ASN B 84 -31.32 -22.04 -0.58
C ASN B 84 -29.81 -22.33 -0.46
N HIS B 85 -29.33 -22.48 0.78
CA HIS B 85 -27.88 -22.62 1.08
C HIS B 85 -27.85 -23.14 2.50
N VAL B 86 -26.73 -23.71 2.93
CA VAL B 86 -26.63 -24.31 4.27
C VAL B 86 -26.85 -23.27 5.39
N THR B 87 -26.49 -22.01 5.12
CA THR B 87 -26.63 -20.92 6.10
C THR B 87 -28.07 -20.43 6.30
N LEU B 88 -28.99 -20.76 5.38
CA LEU B 88 -30.38 -20.28 5.43
C LEU B 88 -31.27 -21.38 5.99
N SER B 89 -32.01 -21.07 7.05
CA SER B 89 -32.83 -22.11 7.66
C SER B 89 -34.06 -22.50 6.81
N GLN B 90 -34.43 -21.65 5.84
CA GLN B 90 -35.38 -22.01 4.78
C GLN B 90 -34.99 -21.20 3.55
N PRO B 91 -35.48 -21.59 2.33
CA PRO B 91 -35.29 -20.72 1.16
C PRO B 91 -35.66 -19.23 1.35
N LYS B 92 -34.78 -18.36 0.89
CA LYS B 92 -34.96 -16.93 0.99
C LYS B 92 -35.43 -16.41 -0.38
N ILE B 93 -36.53 -15.67 -0.37
CA ILE B 93 -37.04 -15.01 -1.56
C ILE B 93 -36.74 -13.50 -1.51
N VAL B 94 -36.11 -12.98 -2.54
CA VAL B 94 -35.91 -11.56 -2.65
C VAL B 94 -36.75 -11.12 -3.86
N LYS B 95 -37.70 -10.22 -3.65
CA LYS B 95 -38.52 -9.74 -4.77
C LYS B 95 -37.81 -8.65 -5.57
N TRP B 96 -38.03 -8.65 -6.89
CA TRP B 96 -37.50 -7.59 -7.77
C TRP B 96 -38.25 -6.30 -7.50
N ASP B 97 -37.51 -5.22 -7.18
CA ASP B 97 -38.13 -3.94 -6.94
C ASP B 97 -37.53 -2.99 -7.97
N ARG B 98 -38.34 -2.56 -8.94
CA ARG B 98 -37.85 -1.73 -10.04
C ARG B 98 -37.65 -0.24 -9.71
N ASP B 99 -38.10 0.20 -8.54
CA ASP B 99 -38.17 1.64 -8.21
C ASP B 99 -37.07 2.04 -7.21
N MET B 100 -36.01 1.24 -7.15
CA MET B 100 -34.89 1.48 -6.26
C MET B 100 -33.96 2.59 -6.76
N LEU C 2 -1.91 -21.17 -18.26
CA LEU C 2 -1.71 -21.89 -17.00
C LEU C 2 -0.26 -22.30 -16.77
N ALA C 3 0.11 -22.44 -15.49
CA ALA C 3 1.39 -23.05 -15.09
C ALA C 3 1.42 -24.52 -15.55
N LEU C 6 2.42 -30.06 -8.44
CA LEU C 6 2.28 -29.58 -7.07
C LEU C 6 1.15 -30.22 -6.28
N THR C 7 1.42 -30.79 -5.12
CA THR C 7 0.35 -31.27 -4.20
C THR C 7 0.70 -30.85 -2.78
N VAL C 8 -0.32 -30.55 -1.97
CA VAL C 8 -0.09 -30.11 -0.56
C VAL C 8 0.45 -31.22 0.36
N GLY D 1 6.23 -5.50 1.73
CA GLY D 1 5.21 -4.80 2.57
C GLY D 1 4.85 -3.44 2.01
N SER D 2 4.72 -2.45 2.89
CA SER D 2 4.37 -1.06 2.53
C SER D 2 5.53 -0.22 1.96
N HIS D 3 5.25 0.81 1.16
CA HIS D 3 6.31 1.75 0.70
C HIS D 3 5.88 3.17 0.65
N SER D 4 6.83 4.09 0.62
CA SER D 4 6.44 5.48 0.59
C SER D 4 7.28 6.22 -0.42
N MET D 5 6.75 7.30 -0.99
CA MET D 5 7.56 8.24 -1.74
C MET D 5 7.34 9.60 -1.10
N ARG D 6 8.39 10.33 -0.76
CA ARG D 6 8.22 11.63 -0.14
C ARG D 6 9.13 12.68 -0.79
N TYR D 7 8.61 13.91 -0.96
CA TYR D 7 9.47 15.03 -1.37
C TYR D 7 9.54 15.98 -0.20
N PHE D 8 10.70 16.60 0.03
CA PHE D 8 10.91 17.49 1.15
C PHE D 8 11.50 18.76 0.58
N PHE D 9 11.00 19.93 1.02
CA PHE D 9 11.42 21.23 0.48
C PHE D 9 11.73 22.13 1.64
N THR D 10 12.87 22.82 1.56
CA THR D 10 13.26 23.79 2.57
C THR D 10 13.63 25.10 1.86
N SER D 11 13.01 26.22 2.24
CA SER D 11 13.44 27.54 1.73
C SER D 11 13.74 28.47 2.86
N VAL D 12 14.88 29.10 2.78
CA VAL D 12 15.33 29.93 3.87
C VAL D 12 15.59 31.36 3.34
N SER D 13 14.89 32.34 3.87
CA SER D 13 15.21 33.72 3.49
C SER D 13 16.54 34.15 4.09
N ARG D 14 17.24 35.04 3.36
CA ARG D 14 18.53 35.50 3.84
C ARG D 14 18.75 36.94 3.35
N PRO D 15 18.08 37.89 4.02
CA PRO D 15 17.98 39.33 3.72
C PRO D 15 19.35 39.95 3.50
N GLY D 16 19.63 40.44 2.29
CA GLY D 16 20.97 41.00 1.98
C GLY D 16 22.04 40.00 1.53
N ARG D 17 21.73 38.71 1.55
CA ARG D 17 22.71 37.66 1.16
C ARG D 17 22.18 36.75 0.04
N GLY D 18 21.22 37.27 -0.72
CA GLY D 18 20.79 36.64 -1.95
C GLY D 18 19.32 36.31 -1.89
N GLU D 19 18.83 35.73 -2.98
CA GLU D 19 17.49 35.15 -3.02
C GLU D 19 17.39 34.00 -2.02
N PRO D 20 16.14 33.54 -1.66
CA PRO D 20 16.11 32.45 -0.65
C PRO D 20 16.83 31.18 -1.06
N ARG D 21 17.42 30.48 -0.09
CA ARG D 21 18.12 29.27 -0.35
C ARG D 21 17.02 28.21 -0.43
N PHE D 22 17.03 27.43 -1.50
CA PHE D 22 15.96 26.45 -1.69
C PHE D 22 16.64 25.09 -1.88
N ILE D 23 16.25 24.08 -1.10
CA ILE D 23 16.80 22.73 -1.25
C ILE D 23 15.64 21.75 -1.29
N ALA D 24 15.57 20.90 -2.33
CA ALA D 24 14.58 19.84 -2.45
C ALA D 24 15.21 18.48 -2.55
N VAL D 25 14.63 17.49 -1.87
CA VAL D 25 15.08 16.11 -2.00
C VAL D 25 13.88 15.21 -2.11
N GLY D 26 14.04 14.11 -2.83
CA GLY D 26 13.05 13.05 -2.93
C GLY D 26 13.55 11.73 -2.37
N TYR D 27 12.65 10.99 -1.74
CA TYR D 27 12.99 9.68 -1.15
C TYR D 27 11.99 8.65 -1.53
N VAL D 28 12.44 7.41 -1.64
CA VAL D 28 11.54 6.29 -1.63
C VAL D 28 11.95 5.54 -0.37
N ASP D 29 11.00 5.40 0.55
CA ASP D 29 11.29 4.83 1.90
C ASP D 29 12.46 5.59 2.48
N ASP D 30 13.53 4.89 2.84
CA ASP D 30 14.75 5.54 3.40
C ASP D 30 15.88 5.73 2.42
N THR D 31 15.59 5.77 1.11
CA THR D 31 16.65 5.83 0.11
C THR D 31 16.41 7.11 -0.69
N GLN D 32 17.36 8.04 -0.68
CA GLN D 32 17.26 9.27 -1.51
C GLN D 32 17.42 8.95 -2.99
N PHE D 33 16.74 9.69 -3.84
CA PHE D 33 16.91 9.48 -5.27
C PHE D 33 17.12 10.76 -6.09
N VAL D 34 16.65 11.91 -5.58
CA VAL D 34 16.89 13.18 -6.30
C VAL D 34 17.20 14.32 -5.35
N ARG D 35 17.84 15.36 -5.89
CA ARG D 35 18.05 16.59 -5.16
C ARG D 35 18.01 17.77 -6.12
N PHE D 36 17.67 18.92 -5.56
CA PHE D 36 17.92 20.20 -6.22
C PHE D 36 18.44 21.16 -5.16
N ASP D 37 19.49 21.92 -5.48
CA ASP D 37 19.93 23.00 -4.59
C ASP D 37 20.03 24.27 -5.40
N SER D 38 19.30 25.31 -5.00
CA SER D 38 19.33 26.64 -5.66
C SER D 38 20.69 27.37 -5.70
N ASP D 39 21.62 27.02 -4.82
CA ASP D 39 22.94 27.64 -4.81
C ASP D 39 23.92 26.92 -5.74
N ALA D 40 23.60 25.70 -6.15
CA ALA D 40 24.52 24.92 -6.97
C ALA D 40 24.56 25.46 -8.43
N ALA D 41 25.64 25.11 -9.12
CA ALA D 41 25.90 25.69 -10.42
C ALA D 41 25.02 25.09 -11.51
N SER D 42 24.60 23.83 -11.33
CA SER D 42 23.93 23.10 -12.39
C SER D 42 22.56 23.67 -12.74
N GLN D 43 21.87 24.19 -11.73
CA GLN D 43 20.45 24.53 -11.82
C GLN D 43 19.53 23.42 -12.39
N ARG D 44 19.84 22.15 -12.08
CA ARG D 44 19.05 20.99 -12.54
C ARG D 44 18.67 20.13 -11.37
N MET D 45 17.54 19.42 -11.49
CA MET D 45 17.27 18.28 -10.59
C MET D 45 18.31 17.22 -10.95
N GLU D 46 18.93 16.60 -9.95
CA GLU D 46 20.08 15.69 -10.12
C GLU D 46 19.78 14.31 -9.54
N PRO D 47 20.30 13.24 -10.20
CA PRO D 47 20.11 11.92 -9.63
C PRO D 47 20.99 11.74 -8.40
N ARG D 48 20.47 10.99 -7.43
CA ARG D 48 21.18 10.63 -6.16
C ARG D 48 21.00 9.16 -5.80
N ALA D 49 20.51 8.39 -6.76
CA ALA D 49 20.45 6.94 -6.63
C ALA D 49 20.80 6.39 -7.99
N PRO D 50 21.61 5.31 -8.05
CA PRO D 50 21.89 4.61 -9.34
C PRO D 50 20.68 4.28 -10.22
N TRP D 51 19.58 3.84 -9.61
CA TRP D 51 18.43 3.38 -10.37
C TRP D 51 17.51 4.48 -10.97
N ILE D 52 17.77 5.75 -10.62
CA ILE D 52 16.99 6.85 -11.19
C ILE D 52 17.71 7.38 -12.43
N GLU D 53 19.01 7.06 -12.57
CA GLU D 53 19.89 7.60 -13.62
C GLU D 53 19.45 7.26 -15.06
N GLN D 54 18.73 6.13 -15.20
CA GLN D 54 18.19 5.68 -16.46
C GLN D 54 17.02 6.52 -17.01
N GLU D 55 16.36 7.32 -16.16
CA GLU D 55 15.27 8.18 -16.62
C GLU D 55 15.75 9.09 -17.74
N GLY D 56 14.87 9.32 -18.70
CA GLY D 56 15.31 10.01 -19.89
C GLY D 56 15.28 11.52 -19.75
N PRO D 57 15.62 12.24 -20.84
CA PRO D 57 15.77 13.70 -20.81
C PRO D 57 14.49 14.44 -20.50
N GLU D 58 13.33 13.89 -20.92
CA GLU D 58 12.01 14.48 -20.59
C GLU D 58 11.77 14.50 -19.07
N TYR D 59 12.20 13.45 -18.40
CA TYR D 59 12.11 13.36 -16.96
C TYR D 59 12.94 14.47 -16.33
N TRP D 60 14.24 14.54 -16.67
CA TRP D 60 15.12 15.55 -16.05
C TRP D 60 14.70 16.98 -16.36
N ASP D 61 14.30 17.23 -17.61
CA ASP D 61 13.87 18.57 -18.00
C ASP D 61 12.60 18.92 -17.24
N GLY D 62 11.67 17.97 -17.17
CA GLY D 62 10.36 18.24 -16.55
C GLY D 62 10.43 18.37 -15.03
N GLU D 63 11.22 17.51 -14.38
CA GLU D 63 11.47 17.65 -12.96
C GLU D 63 12.26 18.92 -12.61
N THR D 64 13.17 19.35 -13.48
CA THR D 64 13.84 20.64 -13.27
C THR D 64 12.84 21.82 -13.35
N ARG D 65 11.97 21.84 -14.37
CA ARG D 65 10.92 22.89 -14.43
C ARG D 65 9.98 22.86 -13.22
N LYS D 66 9.54 21.66 -12.84
CA LYS D 66 8.64 21.54 -11.70
C LYS D 66 9.31 21.99 -10.43
N VAL D 67 10.56 21.59 -10.18
CA VAL D 67 11.21 21.96 -8.91
C VAL D 67 11.50 23.48 -8.82
N LYS D 68 11.82 24.13 -9.95
CA LYS D 68 11.95 25.60 -9.97
C LYS D 68 10.64 26.28 -9.72
N ALA D 69 9.55 25.68 -10.17
CA ALA D 69 8.21 26.21 -9.89
C ALA D 69 7.90 26.08 -8.40
N HIS D 70 8.17 24.93 -7.78
CA HIS D 70 8.10 24.83 -6.32
C HIS D 70 8.96 25.88 -5.60
N SER D 71 10.15 26.15 -6.13
CA SER D 71 10.99 27.16 -5.54
C SER D 71 10.40 28.56 -5.60
N GLN D 72 9.84 28.91 -6.75
CA GLN D 72 9.18 30.22 -6.91
C GLN D 72 8.03 30.42 -5.96
N THR D 73 7.23 29.38 -5.80
CA THR D 73 6.12 29.58 -4.92
C THR D 73 6.56 29.71 -3.41
N HIS D 74 7.67 29.06 -3.04
CA HIS D 74 8.22 29.30 -1.69
C HIS D 74 8.79 30.70 -1.51
N ARG D 75 9.33 31.30 -2.57
CA ARG D 75 9.80 32.68 -2.54
C ARG D 75 8.66 33.62 -2.25
N VAL D 76 7.55 33.40 -2.94
CA VAL D 76 6.32 34.14 -2.66
C VAL D 76 5.84 33.87 -1.22
N ASP D 77 5.83 32.60 -0.81
CA ASP D 77 5.37 32.24 0.54
C ASP D 77 6.12 32.98 1.65
N LEU D 78 7.44 33.09 1.54
CA LEU D 78 8.25 33.78 2.56
C LEU D 78 7.84 35.26 2.75
N GLY D 79 7.62 35.99 1.66
CA GLY D 79 7.04 37.34 1.75
C GLY D 79 5.61 37.36 2.33
N THR D 80 4.77 36.42 1.94
CA THR D 80 3.38 36.36 2.45
C THR D 80 3.38 36.08 3.94
N LEU D 81 4.16 35.11 4.38
CA LEU D 81 4.21 34.79 5.82
C LEU D 81 4.79 35.89 6.72
N ARG D 82 5.81 36.61 6.21
CA ARG D 82 6.29 37.81 6.88
C ARG D 82 5.14 38.77 7.13
N GLY D 83 4.32 38.99 6.09
CA GLY D 83 3.10 39.77 6.20
C GLY D 83 2.11 39.24 7.21
N TYR D 84 1.80 37.94 7.14
CA TYR D 84 0.81 37.32 8.04
C TYR D 84 1.21 37.47 9.50
N TYR D 85 2.53 37.45 9.75
CA TYR D 85 3.03 37.47 11.11
C TYR D 85 3.62 38.82 11.57
N ASN D 86 3.52 39.83 10.70
CA ASN D 86 4.07 41.20 10.95
CA ASN D 86 4.07 41.21 10.95
C ASN D 86 5.54 41.17 11.38
N GLN D 87 6.35 40.47 10.59
CA GLN D 87 7.77 40.29 10.90
C GLN D 87 8.61 41.21 10.02
N SER D 88 9.76 41.63 10.52
CA SER D 88 10.58 42.58 9.76
C SER D 88 11.33 41.91 8.60
N GLU D 89 11.71 42.75 7.66
CA GLU D 89 12.64 42.46 6.56
C GLU D 89 13.94 41.73 6.95
N ALA D 90 14.51 42.10 8.10
CA ALA D 90 15.91 41.85 8.46
C ALA D 90 16.19 40.41 8.94
N GLY D 91 15.16 39.73 9.43
CA GLY D 91 15.32 38.37 9.95
C GLY D 91 15.17 37.27 8.92
N SER D 92 15.91 36.18 9.13
CA SER D 92 15.83 35.00 8.31
C SER D 92 14.69 34.12 8.81
N HIS D 93 13.90 33.56 7.89
CA HIS D 93 12.80 32.68 8.23
C HIS D 93 12.84 31.39 7.37
N THR D 94 12.17 30.33 7.84
CA THR D 94 12.21 29.03 7.17
C THR D 94 10.80 28.52 6.81
N VAL D 95 10.57 28.18 5.54
CA VAL D 95 9.37 27.42 5.18
CA VAL D 95 9.35 27.43 5.15
C VAL D 95 9.77 26.01 4.81
N GLN D 96 9.02 25.03 5.31
CA GLN D 96 9.23 23.65 4.94
C GLN D 96 7.94 23.09 4.42
N ARG D 97 8.06 22.20 3.45
CA ARG D 97 6.91 21.48 2.89
C ARG D 97 7.30 20.05 2.65
N MET D 98 6.37 19.13 2.89
CA MET D 98 6.64 17.73 2.61
C MET D 98 5.39 17.26 1.96
N TYR D 99 5.51 16.52 0.86
CA TYR D 99 4.35 15.77 0.38
C TYR D 99 4.68 14.39 -0.15
N GLY D 100 3.67 13.52 -0.26
CA GLY D 100 3.89 12.27 -0.89
C GLY D 100 2.86 11.24 -0.54
N CYS D 101 3.15 9.99 -0.90
CA CYS D 101 2.14 8.92 -0.83
C CYS D 101 2.67 7.61 -0.28
N ASP D 102 1.80 6.85 0.38
CA ASP D 102 2.10 5.45 0.75
C ASP D 102 1.28 4.50 -0.10
N VAL D 103 1.91 3.39 -0.48
CA VAL D 103 1.23 2.20 -0.98
C VAL D 103 1.36 1.00 -0.03
N GLY D 104 0.39 0.09 -0.07
CA GLY D 104 0.46 -1.06 0.85
C GLY D 104 1.08 -2.27 0.16
N SER D 105 0.83 -3.48 0.71
CA SER D 105 1.33 -4.76 0.17
C SER D 105 0.93 -5.07 -1.25
N ASP D 106 -0.26 -4.61 -1.63
CA ASP D 106 -0.84 -4.84 -2.94
C ASP D 106 -0.39 -3.77 -3.94
N TRP D 107 0.59 -2.97 -3.51
CA TRP D 107 1.12 -1.77 -4.20
C TRP D 107 0.04 -0.74 -4.60
N ARG D 108 -1.09 -0.74 -3.91
CA ARG D 108 -2.16 0.23 -4.19
C ARG D 108 -2.15 1.35 -3.14
N PHE D 109 -2.65 2.53 -3.53
CA PHE D 109 -2.73 3.68 -2.66
C PHE D 109 -3.29 3.36 -1.27
N LEU D 110 -2.51 3.76 -0.28
CA LEU D 110 -2.86 3.58 1.11
C LEU D 110 -3.15 4.91 1.78
N ARG D 111 -2.24 5.89 1.64
CA ARG D 111 -2.33 7.19 2.34
C ARG D 111 -1.59 8.27 1.55
N GLY D 112 -2.06 9.52 1.67
CA GLY D 112 -1.36 10.65 1.06
C GLY D 112 -1.14 11.74 2.11
N TYR D 113 -0.15 12.60 1.88
CA TYR D 113 0.23 13.66 2.83
C TYR D 113 0.64 14.93 2.09
N HIS D 114 0.43 16.10 2.71
CA HIS D 114 0.88 17.38 2.16
C HIS D 114 0.80 18.37 3.33
N GLN D 115 1.97 18.78 3.84
CA GLN D 115 2.13 19.44 5.15
C GLN D 115 3.13 20.62 4.97
N TYR D 116 2.88 21.77 5.60
CA TYR D 116 3.80 22.92 5.65
C TYR D 116 4.13 23.25 7.09
N ALA D 117 5.33 23.78 7.27
CA ALA D 117 5.77 24.31 8.54
C ALA D 117 6.36 25.68 8.27
N TYR D 118 6.32 26.51 9.30
CA TYR D 118 6.96 27.85 9.18
C TYR D 118 7.72 28.05 10.44
N ASP D 119 9.00 28.42 10.30
CA ASP D 119 9.97 28.51 11.44
C ASP D 119 9.95 27.32 12.41
N GLY D 120 9.85 26.12 11.85
CA GLY D 120 9.94 24.89 12.61
C GLY D 120 8.66 24.40 13.31
N LYS D 121 7.56 25.13 13.13
CA LYS D 121 6.26 24.82 13.77
C LYS D 121 5.30 24.39 12.67
N ASP D 122 4.43 23.42 12.95
CA ASP D 122 3.27 23.10 12.06
C ASP D 122 2.56 24.38 11.66
N TYR D 123 2.29 24.51 10.36
CA TYR D 123 1.57 25.61 9.76
C TYR D 123 0.20 25.12 9.21
N ILE D 124 0.21 24.35 8.12
CA ILE D 124 -1.05 23.78 7.62
C ILE D 124 -0.79 22.37 7.08
N ALA D 125 -1.73 21.46 7.39
CA ALA D 125 -1.58 20.07 6.96
C ALA D 125 -2.88 19.54 6.36
N LEU D 126 -2.74 18.86 5.24
CA LEU D 126 -3.86 18.12 4.66
C LEU D 126 -4.18 16.94 5.56
N LYS D 127 -5.46 16.75 5.89
CA LYS D 127 -5.83 15.65 6.76
C LYS D 127 -5.85 14.36 5.98
N GLU D 128 -5.99 13.26 6.72
CA GLU D 128 -5.96 11.93 6.17
C GLU D 128 -7.08 11.66 5.12
N ASP D 129 -8.21 12.35 5.26
CA ASP D 129 -9.34 12.18 4.32
C ASP D 129 -9.09 12.84 2.96
N LEU D 130 -8.03 13.65 2.89
CA LEU D 130 -7.59 14.41 1.70
C LEU D 130 -8.62 15.42 1.23
N ARG D 131 -9.46 15.88 2.16
CA ARG D 131 -10.54 16.83 1.83
C ARG D 131 -10.52 18.01 2.79
N SER D 132 -9.74 17.94 3.85
CA SER D 132 -9.84 18.97 4.92
C SER D 132 -8.44 19.31 5.41
N TRP D 133 -8.32 20.45 6.09
CA TRP D 133 -7.07 21.01 6.56
C TRP D 133 -6.99 21.18 8.07
N THR D 134 -5.83 20.94 8.64
CA THR D 134 -5.52 21.27 10.03
C THR D 134 -4.69 22.54 9.96
N ALA D 135 -5.24 23.62 10.49
CA ALA D 135 -4.59 24.91 10.43
C ALA D 135 -4.51 25.40 11.85
N ALA D 136 -3.28 25.51 12.29
CA ALA D 136 -2.98 25.41 13.65
C ALA D 136 -2.68 26.78 14.29
N ASP D 137 -2.79 27.89 13.53
CA ASP D 137 -2.92 29.26 14.06
C ASP D 137 -3.80 30.12 13.15
N MET D 138 -4.00 31.38 13.53
CA MET D 138 -4.92 32.27 12.79
C MET D 138 -4.39 32.55 11.39
N ALA D 139 -3.08 32.69 11.27
CA ALA D 139 -2.49 32.93 9.94
C ALA D 139 -2.73 31.78 8.99
N ALA D 140 -2.50 30.57 9.48
CA ALA D 140 -2.77 29.36 8.75
C ALA D 140 -4.25 29.21 8.40
N GLN D 141 -5.14 29.76 9.23
CA GLN D 141 -6.53 29.84 8.86
C GLN D 141 -6.78 30.76 7.61
N THR D 142 -6.04 31.87 7.47
CA THR D 142 -6.13 32.66 6.24
C THR D 142 -5.78 31.82 5.02
N THR D 143 -4.69 31.05 5.13
CA THR D 143 -4.29 30.18 4.05
C THR D 143 -5.38 29.14 3.76
N LYS D 144 -5.87 28.52 4.82
CA LYS D 144 -7.00 27.57 4.71
C LYS D 144 -8.18 28.14 3.95
N HIS D 145 -8.58 29.39 4.22
CA HIS D 145 -9.72 29.95 3.51
C HIS D 145 -9.43 30.11 2.01
N LYS D 146 -8.21 30.55 1.69
CA LYS D 146 -7.77 30.75 0.29
C LYS D 146 -7.66 29.40 -0.44
N TRP D 147 -7.23 28.37 0.29
CA TRP D 147 -7.04 27.06 -0.32
C TRP D 147 -8.36 26.34 -0.48
N GLU D 148 -9.29 26.65 0.41
CA GLU D 148 -10.65 26.11 0.31
C GLU D 148 -11.35 26.76 -0.87
N ALA D 149 -11.25 28.09 -1.02
CA ALA D 149 -11.82 28.75 -2.20
C ALA D 149 -11.21 28.29 -3.55
N ALA D 150 -9.93 28.00 -3.57
CA ALA D 150 -9.22 27.58 -4.80
C ALA D 150 -9.28 26.06 -5.06
N HIS D 151 -9.99 25.30 -4.20
CA HIS D 151 -10.11 23.81 -4.33
C HIS D 151 -8.77 23.10 -4.41
N VAL D 152 -7.87 23.53 -3.53
CA VAL D 152 -6.51 23.00 -3.47
C VAL D 152 -6.48 21.52 -3.08
N ALA D 153 -7.26 21.13 -2.07
CA ALA D 153 -7.26 19.75 -1.58
C ALA D 153 -7.62 18.78 -2.71
N GLU D 154 -8.56 19.19 -3.56
CA GLU D 154 -9.01 18.30 -4.64
C GLU D 154 -7.90 18.00 -5.66
N GLN D 155 -7.09 19.00 -5.96
CA GLN D 155 -6.02 18.87 -6.93
C GLN D 155 -4.86 18.07 -6.35
N LEU D 156 -4.59 18.28 -5.07
CA LEU D 156 -3.59 17.50 -4.37
C LEU D 156 -4.01 16.04 -4.27
N ARG D 157 -5.29 15.80 -3.94
CA ARG D 157 -5.83 14.43 -3.88
C ARG D 157 -5.63 13.68 -5.18
N ALA D 158 -5.93 14.34 -6.29
CA ALA D 158 -5.74 13.75 -7.63
C ALA D 158 -4.27 13.35 -7.87
N TYR D 159 -3.34 14.22 -7.47
CA TYR D 159 -1.93 13.90 -7.61
C TYR D 159 -1.48 12.73 -6.71
N LEU D 160 -1.85 12.79 -5.45
CA LEU D 160 -1.41 11.84 -4.42
C LEU D 160 -1.93 10.43 -4.65
N GLU D 161 -3.15 10.34 -5.18
CA GLU D 161 -3.74 9.03 -5.57
C GLU D 161 -3.28 8.52 -6.93
N GLY D 162 -2.80 9.40 -7.80
CA GLY D 162 -2.49 8.98 -9.16
C GLY D 162 -1.01 8.98 -9.43
N THR D 163 -0.56 10.11 -9.98
CA THR D 163 0.82 10.39 -10.35
C THR D 163 1.83 9.94 -9.30
N CYS D 164 1.62 10.31 -8.05
CA CYS D 164 2.51 9.93 -6.94
C CYS D 164 2.70 8.41 -6.83
N VAL D 165 1.58 7.69 -6.80
CA VAL D 165 1.57 6.23 -6.78
C VAL D 165 2.18 5.64 -8.06
N GLU D 166 1.82 6.20 -9.21
CA GLU D 166 2.35 5.74 -10.49
C GLU D 166 3.89 5.77 -10.51
N TRP D 167 4.48 6.87 -10.03
CA TRP D 167 5.94 6.99 -10.05
C TRP D 167 6.60 6.13 -8.98
N LEU D 168 5.95 6.01 -7.81
CA LEU D 168 6.41 5.14 -6.73
C LEU D 168 6.56 3.68 -7.19
N ARG D 169 5.57 3.15 -7.90
CA ARG D 169 5.64 1.78 -8.45
C ARG D 169 6.72 1.61 -9.48
N ARG D 170 6.91 2.63 -10.32
CA ARG D 170 7.95 2.62 -11.32
C ARG D 170 9.32 2.57 -10.65
N TYR D 171 9.52 3.38 -9.62
CA TYR D 171 10.78 3.33 -8.87
C TYR D 171 11.02 2.00 -8.19
N LEU D 172 9.98 1.45 -7.56
CA LEU D 172 10.11 0.16 -6.90
C LEU D 172 10.53 -0.98 -7.86
N GLU D 173 10.08 -0.88 -9.12
CA GLU D 173 10.47 -1.79 -10.21
C GLU D 173 11.92 -1.63 -10.63
N ASN D 174 12.29 -0.42 -11.01
CA ASN D 174 13.63 -0.10 -11.51
C ASN D 174 14.72 -0.19 -10.47
N GLY D 175 14.36 0.06 -9.22
CA GLY D 175 15.32 -0.01 -8.15
C GLY D 175 15.06 -1.18 -7.25
N LYS D 176 14.50 -2.26 -7.82
CA LYS D 176 14.11 -3.48 -7.12
C LYS D 176 15.12 -3.98 -6.08
N GLU D 177 16.37 -4.15 -6.50
CA GLU D 177 17.41 -4.70 -5.61
C GLU D 177 17.65 -3.82 -4.37
N THR D 178 17.63 -2.51 -4.56
CA THR D 178 17.82 -1.51 -3.46
C THR D 178 16.58 -1.32 -2.60
N LEU D 179 15.40 -1.25 -3.24
CA LEU D 179 14.20 -0.84 -2.54
C LEU D 179 13.36 -1.97 -1.96
N GLN D 180 13.28 -3.09 -2.66
CA GLN D 180 12.49 -4.23 -2.19
C GLN D 180 13.43 -5.17 -1.46
N ARG D 181 13.91 -4.75 -0.32
CA ARG D 181 14.97 -5.45 0.36
C ARG D 181 14.87 -5.16 1.85
N THR D 182 15.37 -6.09 2.64
CA THR D 182 15.43 -5.94 4.06
C THR D 182 16.80 -6.45 4.46
N ASP D 183 17.56 -5.66 5.23
CA ASP D 183 18.80 -6.15 5.82
C ASP D 183 18.54 -6.22 7.30
N ALA D 184 18.53 -7.44 7.86
CA ALA D 184 18.37 -7.63 9.32
C ALA D 184 19.57 -7.03 10.10
N PRO D 185 19.32 -6.45 11.29
CA PRO D 185 20.43 -5.91 12.04
C PRO D 185 21.37 -6.97 12.60
N LYS D 186 22.65 -6.60 12.59
CA LYS D 186 23.71 -7.41 13.20
C LYS D 186 23.88 -6.82 14.56
N THR D 187 23.62 -7.62 15.57
CA THR D 187 23.54 -7.11 16.94
C THR D 187 24.58 -7.70 17.88
N HIS D 188 24.96 -6.89 18.85
CA HIS D 188 25.86 -7.24 19.96
C HIS D 188 25.69 -6.22 21.08
N MET D 189 26.19 -6.55 22.27
CA MET D 189 26.23 -5.59 23.33
C MET D 189 27.70 -5.39 23.78
N THR D 190 28.04 -4.19 24.23
CA THR D 190 29.39 -4.00 24.73
C THR D 190 29.29 -3.68 26.22
N HIS D 191 30.42 -3.83 26.90
CA HIS D 191 30.52 -3.64 28.34
C HIS D 191 31.82 -2.86 28.66
N HIS D 192 31.67 -1.73 29.32
CA HIS D 192 32.84 -0.95 29.79
C HIS D 192 32.64 -0.36 31.19
N ALA D 193 33.61 -0.58 32.07
CA ALA D 193 33.49 -0.05 33.44
C ALA D 193 33.59 1.48 33.38
N VAL D 194 32.74 2.22 34.08
CA VAL D 194 32.95 3.67 34.20
C VAL D 194 33.62 4.07 35.51
N SER D 195 33.57 3.17 36.48
CA SER D 195 34.35 3.31 37.74
C SER D 195 34.47 1.89 38.28
N ASP D 196 34.92 1.73 39.52
CA ASP D 196 35.00 0.36 40.09
C ASP D 196 33.63 -0.22 40.50
N HIS D 197 32.58 0.62 40.48
CA HIS D 197 31.27 0.17 40.89
C HIS D 197 30.18 0.29 39.80
N GLU D 198 30.50 0.89 38.63
CA GLU D 198 29.49 1.00 37.59
C GLU D 198 29.99 0.63 36.20
N ALA D 199 29.07 0.16 35.36
CA ALA D 199 29.40 -0.22 33.99
C ALA D 199 28.42 0.31 32.96
N THR D 200 28.90 0.65 31.77
CA THR D 200 27.99 0.96 30.68
C THR D 200 27.70 -0.29 29.84
N LEU D 201 26.42 -0.61 29.63
CA LEU D 201 26.06 -1.70 28.76
C LEU D 201 25.54 -0.97 27.52
N ARG D 202 26.03 -1.28 26.33
CA ARG D 202 25.49 -0.57 25.14
C ARG D 202 25.04 -1.65 24.16
N CYS D 203 23.75 -1.60 23.77
CA CYS D 203 23.18 -2.60 22.85
C CYS D 203 23.28 -2.00 21.43
N TRP D 204 23.96 -2.67 20.49
CA TRP D 204 24.18 -2.15 19.14
C TRP D 204 23.35 -2.88 18.11
N ALA D 205 22.88 -2.15 17.10
CA ALA D 205 22.31 -2.74 15.93
C ALA D 205 22.99 -2.08 14.74
N LEU D 206 23.52 -2.90 13.82
CA LEU D 206 24.33 -2.41 12.71
C LEU D 206 23.83 -2.94 11.37
N SER D 207 24.09 -2.21 10.28
CA SER D 207 23.89 -2.73 8.90
C SER D 207 22.45 -3.15 8.59
N PHE D 208 21.51 -2.39 9.10
CA PHE D 208 20.12 -2.73 8.87
C PHE D 208 19.46 -1.79 7.91
N TYR D 209 18.40 -2.28 7.27
CA TYR D 209 17.61 -1.48 6.32
C TYR D 209 16.23 -2.15 6.26
N PRO D 210 15.12 -1.39 6.35
CA PRO D 210 14.97 0.06 6.48
C PRO D 210 15.28 0.56 7.90
N ALA D 211 15.21 1.88 8.07
CA ALA D 211 15.67 2.57 9.28
C ALA D 211 14.88 2.21 10.51
N GLU D 212 13.61 1.90 10.33
CA GLU D 212 12.68 1.63 11.44
C GLU D 212 13.22 0.47 12.27
N ILE D 213 13.43 0.71 13.57
CA ILE D 213 13.94 -0.32 14.49
C ILE D 213 13.54 0.08 15.94
N THR D 214 13.39 -0.91 16.84
CA THR D 214 13.19 -0.66 18.25
C THR D 214 14.27 -1.39 19.06
N LEU D 215 14.97 -0.63 19.92
CA LEU D 215 15.95 -1.14 20.87
C LEU D 215 15.51 -0.82 22.30
N THR D 216 15.39 -1.81 23.17
CA THR D 216 14.85 -1.57 24.51
C THR D 216 15.64 -2.34 25.54
N TRP D 217 15.94 -1.71 26.66
CA TRP D 217 16.57 -2.46 27.75
C TRP D 217 15.52 -2.90 28.75
N GLN D 218 15.64 -4.14 29.23
CA GLN D 218 14.84 -4.60 30.37
C GLN D 218 15.73 -4.94 31.57
N ARG D 219 15.28 -4.63 32.79
CA ARG D 219 15.95 -5.08 34.01
C ARG D 219 14.95 -5.98 34.67
N ASP D 220 15.31 -7.25 34.80
CA ASP D 220 14.38 -8.33 35.22
C ASP D 220 13.06 -8.27 34.48
N GLY D 221 13.04 -7.93 33.20
CA GLY D 221 11.75 -7.86 32.58
C GLY D 221 11.00 -6.54 32.59
N GLU D 222 11.45 -5.57 33.40
CA GLU D 222 10.84 -4.21 33.42
C GLU D 222 11.54 -3.32 32.42
N ASP D 223 10.80 -2.63 31.55
CA ASP D 223 11.45 -1.65 30.64
C ASP D 223 12.14 -0.55 31.44
N GLN D 224 13.34 -0.21 31.01
CA GLN D 224 14.21 0.80 31.62
C GLN D 224 14.24 2.07 30.76
N THR D 225 13.06 2.46 30.34
CA THR D 225 12.87 3.54 29.38
C THR D 225 13.50 4.90 29.78
N GLN D 226 13.22 5.35 31.00
CA GLN D 226 13.77 6.60 31.53
C GLN D 226 15.28 6.60 31.85
N ASP D 227 15.87 5.42 32.02
CA ASP D 227 17.28 5.30 32.27
C ASP D 227 18.13 4.93 31.05
N THR D 228 17.48 4.79 29.90
CA THR D 228 18.16 4.42 28.67
C THR D 228 18.59 5.68 27.90
N GLU D 229 19.85 5.69 27.43
CA GLU D 229 20.25 6.65 26.45
C GLU D 229 20.04 6.04 25.06
N LEU D 230 19.16 6.62 24.27
CA LEU D 230 18.78 6.02 23.00
C LEU D 230 19.23 7.01 21.94
N VAL D 231 20.22 6.66 21.10
CA VAL D 231 20.64 7.61 20.06
C VAL D 231 19.74 7.59 18.86
N GLU D 232 19.70 8.71 18.16
CA GLU D 232 19.00 8.76 16.91
C GLU D 232 19.56 7.77 15.86
N THR D 233 18.66 7.06 15.16
CA THR D 233 19.09 6.15 14.09
C THR D 233 19.86 6.93 13.02
N ARG D 234 21.03 6.40 12.66
CA ARG D 234 21.98 7.12 11.83
C ARG D 234 22.39 6.33 10.58
N PRO D 235 22.71 7.05 9.48
CA PRO D 235 23.12 6.37 8.27
C PRO D 235 24.56 5.90 8.35
N ALA D 236 24.85 4.72 7.82
CA ALA D 236 26.24 4.26 7.78
C ALA D 236 26.99 4.91 6.60
N GLY D 237 26.23 5.33 5.58
CA GLY D 237 26.76 5.88 4.35
C GLY D 237 26.69 4.93 3.16
N ASP D 238 26.34 3.67 3.42
CA ASP D 238 26.30 2.64 2.39
C ASP D 238 24.88 2.15 2.10
N GLY D 239 23.88 2.93 2.53
CA GLY D 239 22.48 2.54 2.39
C GLY D 239 21.92 1.66 3.51
N THR D 240 22.70 1.43 4.57
CA THR D 240 22.18 0.79 5.80
C THR D 240 22.24 1.77 6.98
N PHE D 241 21.69 1.33 8.10
CA PHE D 241 21.56 2.19 9.28
C PHE D 241 22.16 1.58 10.52
N GLN D 242 22.39 2.40 11.55
CA GLN D 242 22.88 1.92 12.84
C GLN D 242 22.10 2.59 13.94
N LYS D 243 22.14 1.98 15.12
CA LYS D 243 21.52 2.59 16.31
C LYS D 243 22.11 1.87 17.50
N TRP D 244 22.17 2.59 18.62
CA TRP D 244 22.49 1.98 19.90
C TRP D 244 21.63 2.48 21.05
N ALA D 245 21.53 1.68 22.12
CA ALA D 245 20.91 2.09 23.34
C ALA D 245 21.83 1.72 24.51
N ALA D 246 22.03 2.61 25.48
CA ALA D 246 22.92 2.33 26.62
C ALA D 246 22.25 2.55 27.97
N VAL D 247 22.63 1.74 28.96
CA VAL D 247 22.28 1.92 30.39
C VAL D 247 23.57 1.86 31.22
N VAL D 248 23.61 2.60 32.32
CA VAL D 248 24.71 2.58 33.28
C VAL D 248 24.18 1.85 34.49
N VAL D 249 24.89 0.80 34.86
CA VAL D 249 24.35 -0.31 35.66
C VAL D 249 25.33 -0.50 36.83
N PRO D 250 24.85 -0.86 38.06
CA PRO D 250 25.83 -1.24 39.09
C PRO D 250 26.58 -2.53 38.69
N SER D 251 27.91 -2.50 38.84
CA SER D 251 28.76 -3.68 38.60
C SER D 251 28.25 -4.88 39.38
N GLY D 252 28.05 -6.00 38.67
CA GLY D 252 27.54 -7.22 39.28
C GLY D 252 26.09 -7.49 38.88
N GLN D 253 25.39 -6.46 38.40
CA GLN D 253 23.97 -6.63 38.00
C GLN D 253 23.71 -6.87 36.50
N GLU D 254 24.78 -7.14 35.74
CA GLU D 254 24.70 -7.30 34.28
C GLU D 254 23.72 -8.34 33.84
N GLN D 255 23.68 -9.47 34.57
CA GLN D 255 22.80 -10.59 34.21
C GLN D 255 21.32 -10.24 34.37
N ARG D 256 21.00 -9.18 35.14
CA ARG D 256 19.61 -8.69 35.19
C ARG D 256 19.12 -8.00 33.90
N TYR D 257 20.06 -7.53 33.10
CA TYR D 257 19.77 -6.62 31.98
C TYR D 257 19.76 -7.33 30.65
N THR D 258 18.70 -7.12 29.88
CA THR D 258 18.63 -7.69 28.55
C THR D 258 18.23 -6.63 27.53
N CYS D 259 18.74 -6.79 26.32
CA CYS D 259 18.45 -5.85 25.23
C CYS D 259 17.53 -6.54 24.25
N HIS D 260 16.52 -5.82 23.76
CA HIS D 260 15.47 -6.46 22.95
C HIS D 260 15.39 -5.70 21.65
N VAL D 261 15.48 -6.44 20.55
CA VAL D 261 15.62 -5.80 19.26
C VAL D 261 14.48 -6.22 18.32
N GLN D 262 13.79 -5.24 17.75
CA GLN D 262 12.72 -5.54 16.85
C GLN D 262 13.03 -4.82 15.53
N HIS D 263 12.94 -5.59 14.45
CA HIS D 263 13.16 -5.05 13.11
C HIS D 263 12.44 -5.98 12.15
N GLU D 264 11.95 -5.45 11.03
CA GLU D 264 11.21 -6.30 10.04
C GLU D 264 12.07 -7.40 9.37
N GLY D 265 13.39 -7.21 9.34
CA GLY D 265 14.32 -8.26 8.95
C GLY D 265 14.52 -9.41 9.91
N LEU D 266 14.12 -9.21 11.17
CA LEU D 266 14.17 -10.31 12.13
C LEU D 266 12.90 -11.17 12.00
N PRO D 267 13.09 -12.50 11.82
CA PRO D 267 11.98 -13.45 11.79
C PRO D 267 11.19 -13.45 13.11
N LYS D 268 11.86 -13.14 14.24
CA LYS D 268 11.29 -13.02 15.57
C LYS D 268 12.05 -11.89 16.32
N PRO D 269 11.41 -11.19 17.30
CA PRO D 269 12.20 -10.22 18.08
C PRO D 269 13.39 -10.88 18.82
N LEU D 270 14.54 -10.22 18.87
CA LEU D 270 15.72 -10.86 19.48
C LEU D 270 15.93 -10.38 20.90
N THR D 271 16.39 -11.27 21.76
CA THR D 271 16.83 -10.85 23.08
C THR D 271 18.33 -11.15 23.20
N LEU D 272 19.10 -10.20 23.69
CA LEU D 272 20.55 -10.37 23.93
CA LEU D 272 20.52 -10.45 23.93
C LEU D 272 20.79 -10.34 25.42
N ARG D 273 21.68 -11.20 25.90
CA ARG D 273 21.83 -11.41 27.34
C ARG D 273 23.27 -11.43 27.73
N TRP D 274 23.51 -11.26 29.02
CA TRP D 274 24.88 -11.24 29.51
C TRP D 274 25.38 -12.59 30.10
N GLU D 275 24.72 -13.69 29.72
CA GLU D 275 25.07 -15.06 30.19
C GLU D 275 24.50 -16.03 29.17
N MET E 1 11.88 32.75 18.23
CA MET E 1 11.80 31.67 17.22
C MET E 1 12.11 30.32 17.88
N ILE E 2 11.53 29.25 17.31
CA ILE E 2 11.98 27.89 17.57
C ILE E 2 13.45 27.68 17.25
N GLN E 3 14.15 27.08 18.23
CA GLN E 3 15.53 26.66 18.04
C GLN E 3 15.67 25.29 18.68
N ARG E 4 16.28 24.35 17.95
CA ARG E 4 16.50 23.01 18.46
C ARG E 4 17.97 22.65 18.31
N THR E 5 18.56 22.08 19.35
CA THR E 5 20.00 21.80 19.39
C THR E 5 20.37 20.56 18.52
N PRO E 6 21.49 20.61 17.75
CA PRO E 6 21.99 19.40 17.04
C PRO E 6 22.40 18.31 17.98
N LYS E 7 21.98 17.09 17.68
CA LYS E 7 22.42 15.87 18.34
C LYS E 7 23.54 15.33 17.43
N ILE E 8 24.75 15.25 17.98
CA ILE E 8 25.97 15.04 17.15
C ILE E 8 26.48 13.63 17.43
N GLN E 9 26.56 12.79 16.40
CA GLN E 9 27.26 11.50 16.54
C GLN E 9 28.48 11.37 15.61
N VAL E 10 29.63 10.98 16.14
CA VAL E 10 30.85 10.75 15.28
C VAL E 10 31.22 9.26 15.36
N TYR E 11 31.47 8.64 14.20
CA TYR E 11 31.53 7.18 14.15
C TYR E 11 32.04 6.70 12.81
N SER E 12 32.55 5.48 12.74
CA SER E 12 32.95 4.94 11.46
C SER E 12 31.82 4.11 10.82
N ARG E 13 31.82 4.07 9.47
CA ARG E 13 30.93 3.19 8.72
C ARG E 13 31.02 1.70 9.14
N HIS E 14 32.25 1.19 9.26
CA HIS E 14 32.55 -0.22 9.52
C HIS E 14 33.38 -0.28 10.82
N PRO E 15 33.39 -1.43 11.53
CA PRO E 15 34.23 -1.57 12.72
C PRO E 15 35.69 -1.20 12.39
N ALA E 16 36.30 -0.41 13.25
CA ALA E 16 37.59 0.18 12.92
C ALA E 16 38.73 -0.80 13.14
N GLU E 17 39.68 -0.75 12.23
CA GLU E 17 40.77 -1.69 12.16
C GLU E 17 41.98 -0.86 11.72
N ASN E 18 43.00 -0.73 12.59
CA ASN E 18 44.21 0.06 12.30
C ASN E 18 44.86 -0.31 10.98
N GLY E 19 44.97 0.66 10.06
CA GLY E 19 45.60 0.41 8.76
C GLY E 19 44.62 0.05 7.65
N LYS E 20 43.34 0.01 7.95
CA LYS E 20 42.35 -0.44 6.97
C LYS E 20 41.38 0.69 6.65
N SER E 21 41.31 1.09 5.36
CA SER E 21 40.48 2.25 4.99
C SER E 21 39.03 2.04 5.37
N ASN E 22 38.38 3.14 5.74
CA ASN E 22 37.05 3.14 6.33
C ASN E 22 36.47 4.53 5.96
N PHE E 23 35.28 4.81 6.47
CA PHE E 23 34.64 6.11 6.30
C PHE E 23 34.32 6.71 7.65
N LEU E 24 34.72 7.96 7.85
CA LEU E 24 34.44 8.67 9.11
C LEU E 24 33.21 9.54 8.90
N ASN E 25 32.22 9.39 9.77
CA ASN E 25 30.94 10.05 9.67
C ASN E 25 30.70 10.96 10.83
N CYS E 26 30.13 12.13 10.55
CA CYS E 26 29.55 12.94 11.60
C CYS E 26 28.11 13.23 11.20
N TYR E 27 27.20 12.69 12.01
CA TYR E 27 25.80 12.85 11.72
C TYR E 27 25.26 13.88 12.70
N VAL E 28 24.62 14.94 12.19
CA VAL E 28 23.93 15.93 13.05
C VAL E 28 22.44 15.89 12.79
N SER E 29 21.63 15.70 13.83
CA SER E 29 20.19 15.63 13.60
C SER E 29 19.42 16.43 14.60
N GLY E 30 18.10 16.56 14.39
CA GLY E 30 17.29 17.18 15.42
C GLY E 30 17.42 18.71 15.51
N PHE E 31 18.12 19.36 14.57
CA PHE E 31 18.41 20.80 14.71
C PHE E 31 17.47 21.76 13.98
N HIS E 32 17.38 22.98 14.48
CA HIS E 32 16.56 24.05 13.82
C HIS E 32 17.02 25.40 14.37
N PRO E 33 17.26 26.40 13.50
CA PRO E 33 17.14 26.51 12.03
C PRO E 33 18.23 25.73 11.30
N SER E 34 18.25 25.78 9.96
CA SER E 34 19.12 24.88 9.19
C SER E 34 20.59 25.34 9.13
N ASP E 35 20.88 26.62 9.39
CA ASP E 35 22.28 27.09 9.27
C ASP E 35 23.10 26.37 10.31
N ILE E 36 24.15 25.67 9.88
CA ILE E 36 24.96 24.86 10.78
C ILE E 36 26.38 24.77 10.18
N GLU E 37 27.41 24.69 11.03
CA GLU E 37 28.78 24.48 10.54
C GLU E 37 29.24 23.15 11.12
N VAL E 38 29.71 22.25 10.25
CA VAL E 38 30.20 20.96 10.67
C VAL E 38 31.58 20.75 10.06
N ASP E 39 32.57 20.46 10.90
CA ASP E 39 33.90 20.11 10.43
C ASP E 39 34.35 18.81 11.00
N LEU E 40 34.99 17.99 10.19
CA LEU E 40 35.70 16.81 10.68
C LEU E 40 37.15 17.19 10.97
N LEU E 41 37.68 16.69 12.08
CA LEU E 41 39.03 17.07 12.49
C LEU E 41 39.92 15.85 12.60
N LYS E 42 41.17 15.97 12.16
CA LYS E 42 42.20 14.95 12.39
C LYS E 42 43.30 15.64 13.18
N ASN E 43 43.66 15.08 14.34
CA ASN E 43 44.51 15.75 15.35
C ASN E 43 44.32 17.27 15.54
N GLY E 44 43.07 17.69 15.65
CA GLY E 44 42.69 19.07 15.85
C GLY E 44 42.60 19.93 14.59
N GLU E 45 42.93 19.36 13.42
CA GLU E 45 43.01 20.12 12.17
C GLU E 45 41.84 19.78 11.26
N ARG E 46 41.23 20.80 10.68
CA ARG E 46 40.10 20.63 9.77
C ARG E 46 40.48 19.81 8.55
N ILE E 47 39.69 18.77 8.31
CA ILE E 47 39.87 17.93 7.11
C ILE E 47 39.16 18.64 5.94
N GLU E 48 39.89 18.99 4.87
CA GLU E 48 39.28 19.75 3.77
C GLU E 48 38.45 18.93 2.76
N LYS E 49 38.78 17.66 2.64
CA LYS E 49 38.11 16.75 1.68
C LYS E 49 36.88 16.08 2.33
N VAL E 50 35.84 16.88 2.60
CA VAL E 50 34.68 16.40 3.36
C VAL E 50 33.40 16.66 2.59
N GLU E 51 32.59 15.62 2.39
CA GLU E 51 31.35 15.72 1.68
C GLU E 51 30.19 15.69 2.65
N HIS E 52 29.01 16.13 2.20
CA HIS E 52 27.85 16.04 3.05
C HIS E 52 26.58 15.70 2.28
N SER E 53 25.57 15.30 3.01
CA SER E 53 24.32 14.89 2.43
C SER E 53 23.54 16.14 2.09
N ASP E 54 22.50 15.97 1.28
CA ASP E 54 21.60 17.05 0.92
C ASP E 54 20.69 17.27 2.11
N LEU E 55 20.37 18.54 2.41
CA LEU E 55 19.56 18.90 3.59
C LEU E 55 18.17 18.28 3.52
N SER E 56 17.82 17.57 4.58
CA SER E 56 16.52 16.91 4.68
C SER E 56 16.01 17.08 6.10
N PHE E 57 14.80 16.64 6.37
CA PHE E 57 14.25 16.82 7.72
C PHE E 57 13.32 15.66 8.13
N SER E 58 13.12 15.50 9.43
CA SER E 58 12.30 14.41 9.97
C SER E 58 10.82 14.87 10.09
N LYS E 59 9.97 13.95 10.56
CA LYS E 59 8.54 14.26 10.69
C LYS E 59 8.24 15.48 11.57
N ASP E 60 9.08 15.73 12.58
CA ASP E 60 8.88 16.89 13.42
C ASP E 60 9.51 18.20 12.86
N TRP E 61 9.90 18.19 11.58
CA TRP E 61 10.54 19.32 10.90
C TRP E 61 11.99 19.60 11.25
N SER E 62 12.57 18.85 12.19
CA SER E 62 13.96 19.12 12.51
C SER E 62 14.89 18.53 11.45
N PHE E 63 16.02 19.21 11.23
CA PHE E 63 16.90 18.92 10.08
C PHE E 63 17.93 17.87 10.45
N TYR E 64 18.42 17.16 9.44
CA TYR E 64 19.56 16.21 9.60
C TYR E 64 20.53 16.31 8.41
N LEU E 65 21.84 16.15 8.73
CA LEU E 65 22.91 16.12 7.72
C LEU E 65 23.97 15.10 8.12
N LEU E 66 24.51 14.42 7.12
CA LEU E 66 25.66 13.54 7.31
C LEU E 66 26.85 14.18 6.62
N TYR E 67 27.93 14.34 7.37
CA TYR E 67 29.27 14.78 6.87
C TYR E 67 30.14 13.56 6.96
N TYR E 68 30.92 13.33 5.92
CA TYR E 68 31.68 12.11 5.78
C TYR E 68 32.94 12.25 4.95
N THR E 69 33.95 11.49 5.35
CA THR E 69 35.18 11.40 4.57
C THR E 69 35.80 9.99 4.66
N GLU E 70 36.51 9.59 3.61
CA GLU E 70 37.35 8.40 3.67
C GLU E 70 38.51 8.62 4.63
N PHE E 71 38.79 7.63 5.48
CA PHE E 71 39.95 7.70 6.35
C PHE E 71 40.52 6.32 6.62
N THR E 72 41.74 6.28 7.11
CA THR E 72 42.35 5.03 7.51
C THR E 72 42.78 5.22 8.97
N PRO E 73 42.06 4.58 9.92
CA PRO E 73 42.39 4.76 11.33
C PRO E 73 43.77 4.18 11.69
N THR E 74 44.42 4.81 12.65
CA THR E 74 45.72 4.33 13.14
C THR E 74 45.62 4.38 14.67
N GLU E 75 46.68 3.98 15.35
CA GLU E 75 46.73 3.99 16.77
C GLU E 75 46.77 5.42 17.33
N LYS E 76 47.56 6.28 16.67
CA LYS E 76 47.91 7.61 17.17
C LYS E 76 46.94 8.74 16.78
N ASP E 77 46.27 8.59 15.64
CA ASP E 77 45.48 9.69 15.09
C ASP E 77 44.18 9.87 15.84
N GLU E 78 43.87 11.11 16.21
CA GLU E 78 42.64 11.47 16.94
C GLU E 78 41.70 12.09 15.96
N TYR E 79 40.45 11.63 15.94
CA TYR E 79 39.43 12.25 15.08
C TYR E 79 38.31 12.84 15.88
N ALA E 80 37.67 13.89 15.35
CA ALA E 80 36.60 14.56 16.08
C ALA E 80 35.70 15.31 15.10
N CYS E 81 34.50 15.67 15.55
CA CYS E 81 33.59 16.49 14.75
C CYS E 81 33.38 17.79 15.51
N ARG E 82 33.50 18.94 14.84
CA ARG E 82 33.30 20.26 15.47
C ARG E 82 32.06 20.90 14.87
N VAL E 83 31.10 21.25 15.71
CA VAL E 83 29.80 21.69 15.22
C VAL E 83 29.48 23.05 15.82
N ASN E 84 29.07 24.02 15.00
CA ASN E 84 28.51 25.26 15.53
C ASN E 84 27.08 25.48 14.99
N HIS E 85 26.26 26.07 15.86
CA HIS E 85 24.85 26.30 15.60
C HIS E 85 24.41 27.41 16.56
N VAL E 86 23.34 28.14 16.23
CA VAL E 86 22.85 29.23 17.09
C VAL E 86 22.51 28.78 18.53
N THR E 87 22.18 27.49 18.70
CA THR E 87 21.83 26.94 20.03
C THR E 87 23.04 26.66 20.94
N LEU E 88 24.26 26.69 20.38
CA LEU E 88 25.45 26.30 21.11
C LEU E 88 26.17 27.60 21.47
N SER E 89 26.57 27.73 22.73
CA SER E 89 27.26 28.96 23.17
C SER E 89 28.71 29.08 22.68
N GLN E 90 29.27 27.96 22.24
CA GLN E 90 30.57 27.90 21.55
C GLN E 90 30.60 26.56 20.78
N PRO E 91 31.55 26.38 19.80
CA PRO E 91 31.49 25.14 19.05
C PRO E 91 31.66 23.92 19.93
N LYS E 92 30.86 22.90 19.65
CA LYS E 92 30.90 21.64 20.39
C LYS E 92 31.80 20.67 19.64
N ILE E 93 32.78 20.10 20.35
CA ILE E 93 33.69 19.12 19.75
C ILE E 93 33.35 17.73 20.35
N VAL E 94 32.99 16.78 19.49
CA VAL E 94 32.73 15.40 19.88
C VAL E 94 33.85 14.51 19.34
N LYS E 95 34.58 13.82 20.24
CA LYS E 95 35.71 12.93 19.88
CA LYS E 95 35.69 12.98 19.81
C LYS E 95 35.18 11.61 19.37
N TRP E 96 35.82 11.08 18.33
CA TRP E 96 35.50 9.75 17.84
C TRP E 96 36.01 8.77 18.89
N ASP E 97 35.14 7.86 19.34
CA ASP E 97 35.54 6.88 20.34
C ASP E 97 35.26 5.53 19.71
N ARG E 98 36.33 4.81 19.38
CA ARG E 98 36.15 3.60 18.62
C ARG E 98 35.78 2.41 19.48
N ASP E 99 35.88 2.55 20.80
CA ASP E 99 35.61 1.44 21.72
C ASP E 99 34.20 1.46 22.31
N MET E 100 33.23 2.09 21.66
CA MET E 100 31.85 2.17 22.23
C MET E 100 31.06 0.88 21.98
N LEU F 2 7.38 14.97 -9.19
CA LEU F 2 6.79 16.17 -8.61
C LEU F 2 5.39 16.47 -9.13
N ALA F 3 4.55 17.03 -8.24
CA ALA F 3 3.29 17.70 -8.61
C ALA F 3 3.53 18.83 -9.61
N LEU F 6 0.53 26.74 -6.15
CA LEU F 6 0.09 26.84 -4.78
C LEU F 6 0.90 27.81 -3.92
N THR F 7 0.22 28.73 -3.27
CA THR F 7 0.90 29.70 -2.44
C THR F 7 0.07 29.95 -1.18
N VAL F 8 0.74 30.18 -0.05
CA VAL F 8 0.04 30.30 1.22
C VAL F 8 -0.66 31.67 1.34
#